data_8PQ7
#
_entry.id   8PQ7
#
_cell.length_a   55.492
_cell.length_b   57.036
_cell.length_c   59.015
_cell.angle_alpha   84.35
_cell.angle_beta   86.49
_cell.angle_gamma   89.85
#
_symmetry.space_group_name_H-M   'P 1'
#
loop_
_entity.id
_entity.type
_entity.pdbx_description
1 polymer 'Serine/threonine-protein phosphatase'
2 polymer 'RxLR effector protein PexRD24'
3 non-polymer 'MANGANESE (II) ION'
4 non-polymer 1,2-ETHANEDIOL
5 water water
#
loop_
_entity_poly.entity_id
_entity_poly.type
_entity_poly.pdbx_seq_one_letter_code
_entity_poly.pdbx_strand_id
1 'polypeptide(L)'
;GPMDQNVLDDIITRLLEVKGKPGKQVVLTEAEIKQLCLVAKETFLRQPNLLELEAPIKICGDIHGQYSDLLRLFEYGGLP
PQSNYLFLGDYVDRGKQSLETICLLLAYKIKYPENFFLLRGNHECASINRIYGFYDECKRRFNVRLWKIFTDCFNCLPVA
ALIDEKILCMHGGLSPDLNHLDQIRGLQRPTDVPDAGLLCDLLWSDPSKEVQGWGMNDRGVSYTFGADKVTEFLEKHDLD
LICRAHQVVEDGYEFFANRQLVTVFSAPNYCGEFDNAGAMMSVDETLMCSFQILK
;
A,C
2 'polypeptide(L)'
;GPDLLGLFAKSKLKKMMKSESFKLKRFGEWDDFTVGYIREKLKNKYPDLLLNYLNVYKKAGNEIVRHANNPNKVTFSNKV
RARIYKTNS
;
B,D
#
loop_
_chem_comp.id
_chem_comp.type
_chem_comp.name
_chem_comp.formula
EDO non-polymer 1,2-ETHANEDIOL 'C2 H6 O2'
MN non-polymer 'MANGANESE (II) ION' 'Mn 2'
#
# COMPACT_ATOMS: atom_id res chain seq x y z
N LEU A 8 1.85 35.21 -1.01
CA LEU A 8 2.13 36.68 -0.87
C LEU A 8 1.98 37.34 -2.24
N ASP A 9 0.72 37.65 -2.56
CA ASP A 9 0.21 37.66 -3.92
C ASP A 9 0.80 38.82 -4.72
N ASP A 10 1.25 39.88 -4.03
CA ASP A 10 1.86 41.04 -4.66
C ASP A 10 3.25 40.69 -5.20
N ILE A 11 4.02 39.99 -4.37
CA ILE A 11 5.37 39.57 -4.73
C ILE A 11 5.27 38.66 -5.94
N ILE A 12 4.31 37.72 -5.88
CA ILE A 12 4.22 36.67 -6.89
C ILE A 12 3.85 37.28 -8.24
N THR A 13 3.03 38.33 -8.30
CA THR A 13 2.67 38.86 -9.63
C THR A 13 3.84 39.67 -10.22
N ARG A 14 4.59 40.40 -9.39
CA ARG A 14 5.76 41.12 -9.89
C ARG A 14 6.73 40.10 -10.47
N LEU A 15 6.88 38.95 -9.79
CA LEU A 15 7.75 37.90 -10.25
C LEU A 15 7.32 37.41 -11.64
N LEU A 16 6.02 37.13 -11.81
CA LEU A 16 5.54 36.65 -13.11
C LEU A 16 5.80 37.71 -14.17
N GLU A 17 5.49 38.96 -13.83
CA GLU A 17 5.55 40.05 -14.78
C GLU A 17 6.96 40.11 -15.36
N VAL A 18 7.94 40.06 -14.45
CA VAL A 18 9.33 40.22 -14.82
C VAL A 18 9.77 39.00 -15.65
N LYS A 19 9.41 37.80 -15.21
CA LYS A 19 9.77 36.62 -16.00
C LYS A 19 9.14 36.66 -17.40
N GLY A 20 7.92 37.23 -17.53
CA GLY A 20 7.27 37.37 -18.82
C GLY A 20 8.09 38.14 -19.86
N LYS A 21 9.39 38.38 -19.60
CA LYS A 21 10.28 39.07 -20.52
C LYS A 21 11.47 38.21 -20.98
N PRO A 22 11.68 38.08 -22.32
CA PRO A 22 12.93 37.55 -22.91
C PRO A 22 14.30 38.12 -22.50
N GLY A 23 15.37 37.32 -22.75
CA GLY A 23 16.76 37.69 -22.48
C GLY A 23 17.64 36.44 -22.34
N LYS A 24 18.86 36.62 -21.78
CA LYS A 24 19.75 35.50 -21.42
C LYS A 24 20.56 35.81 -20.15
N GLN A 25 19.91 36.51 -19.19
CA GLN A 25 20.50 36.92 -17.92
C GLN A 25 19.45 36.74 -16.81
N VAL A 26 19.90 36.79 -15.54
CA VAL A 26 19.03 36.69 -14.37
C VAL A 26 18.16 37.94 -14.23
N VAL A 27 17.06 37.82 -13.48
CA VAL A 27 16.18 38.95 -13.22
C VAL A 27 15.54 38.85 -11.83
N LEU A 28 15.85 37.76 -11.10
CA LEU A 28 15.23 37.43 -9.84
C LEU A 28 16.33 37.36 -8.77
N THR A 29 15.94 37.45 -7.49
CA THR A 29 16.90 37.26 -6.41
C THR A 29 16.87 35.79 -5.96
N GLU A 30 17.96 35.39 -5.30
CA GLU A 30 18.04 34.07 -4.71
C GLU A 30 16.87 33.87 -3.73
N ALA A 31 16.62 34.88 -2.91
CA ALA A 31 15.56 34.79 -1.90
C ALA A 31 14.19 34.66 -2.57
N GLU A 32 13.99 35.26 -3.75
CA GLU A 32 12.70 35.13 -4.41
C GLU A 32 12.58 33.70 -4.91
N ILE A 33 13.65 33.22 -5.52
CA ILE A 33 13.60 31.89 -6.11
C ILE A 33 13.37 30.89 -4.97
N LYS A 34 14.02 31.13 -3.83
CA LYS A 34 13.86 30.31 -2.66
C LYS A 34 12.39 30.28 -2.24
N GLN A 35 11.72 31.43 -2.35
CA GLN A 35 10.34 31.56 -1.92
C GLN A 35 9.44 30.74 -2.84
N LEU A 36 9.59 30.92 -4.14
CA LEU A 36 8.85 30.09 -5.09
C LEU A 36 8.98 28.61 -4.72
N CYS A 37 10.21 28.15 -4.41
CA CYS A 37 10.42 26.74 -4.14
C CYS A 37 9.71 26.27 -2.87
N LEU A 38 9.75 27.08 -1.81
CA LEU A 38 9.09 26.77 -0.54
C LEU A 38 7.58 26.68 -0.75
N VAL A 39 7.01 27.69 -1.40
CA VAL A 39 5.58 27.84 -1.45
C VAL A 39 5.01 26.83 -2.45
N ALA A 40 5.68 26.68 -3.59
CA ALA A 40 5.27 25.67 -4.53
C ALA A 40 5.31 24.28 -3.88
N LYS A 41 6.41 23.96 -3.19
CA LYS A 41 6.53 22.70 -2.48
C LYS A 41 5.31 22.46 -1.57
N GLU A 42 4.88 23.47 -0.82
CA GLU A 42 3.76 23.28 0.09
C GLU A 42 2.49 23.00 -0.72
N THR A 43 2.35 23.67 -1.85
CA THR A 43 1.21 23.46 -2.72
C THR A 43 1.18 22.04 -3.29
N PHE A 44 2.33 21.54 -3.74
CA PHE A 44 2.40 20.19 -4.26
C PHE A 44 1.96 19.20 -3.20
N LEU A 45 2.36 19.42 -1.95
CA LEU A 45 2.12 18.48 -0.89
C LEU A 45 0.68 18.53 -0.40
N ARG A 46 -0.03 19.65 -0.62
CA ARG A 46 -1.45 19.71 -0.29
C ARG A 46 -2.22 18.83 -1.28
N GLN A 47 -1.84 18.91 -2.55
CA GLN A 47 -2.56 18.22 -3.62
C GLN A 47 -2.06 16.78 -3.70
N PRO A 48 -2.86 15.79 -4.11
CA PRO A 48 -2.38 14.42 -4.15
C PRO A 48 -1.30 14.11 -5.20
N ASN A 49 -0.65 12.96 -5.01
CA ASN A 49 0.44 12.52 -5.86
C ASN A 49 -0.13 11.97 -7.17
N LEU A 50 -1.38 11.48 -7.13
CA LEU A 50 -2.12 11.22 -8.36
C LEU A 50 -3.16 12.32 -8.53
N LEU A 51 -2.97 13.18 -9.52
CA LEU A 51 -3.86 14.31 -9.67
C LEU A 51 -5.15 13.85 -10.33
N GLU A 52 -6.27 14.47 -9.95
CA GLU A 52 -7.55 14.13 -10.54
C GLU A 52 -8.08 15.40 -11.15
N LEU A 53 -7.87 15.55 -12.46
CA LEU A 53 -8.13 16.81 -13.12
C LEU A 53 -9.35 16.70 -14.02
N GLU A 54 -9.94 17.86 -14.33
CA GLU A 54 -11.05 17.87 -15.27
C GLU A 54 -10.61 18.61 -16.53
N ALA A 55 -11.17 18.21 -17.68
CA ALA A 55 -11.03 18.96 -18.91
C ALA A 55 -12.01 20.15 -18.87
N PRO A 56 -11.83 21.23 -19.65
CA PRO A 56 -10.75 21.36 -20.64
C PRO A 56 -9.41 21.60 -19.98
N ILE A 57 -8.34 21.20 -20.67
CA ILE A 57 -7.01 21.35 -20.14
C ILE A 57 -6.02 21.17 -21.28
N LYS A 58 -4.87 21.84 -21.18
CA LYS A 58 -3.83 21.78 -22.18
C LYS A 58 -2.62 21.07 -21.56
N ILE A 59 -2.05 20.14 -22.31
CA ILE A 59 -1.04 19.22 -21.80
C ILE A 59 0.23 19.36 -22.60
N CYS A 60 1.32 19.73 -21.92
CA CYS A 60 2.63 19.87 -22.53
C CYS A 60 3.61 18.86 -21.96
N GLY A 61 4.53 18.46 -22.85
CA GLY A 61 5.60 17.53 -22.52
C GLY A 61 6.86 18.31 -22.25
N ASP A 62 7.99 17.67 -22.53
CA ASP A 62 9.31 18.20 -22.17
C ASP A 62 9.52 19.60 -22.73
N ILE A 63 10.09 20.45 -21.87
CA ILE A 63 10.55 21.81 -22.16
C ILE A 63 12.08 21.94 -22.15
N HIS A 64 12.72 21.27 -21.21
CA HIS A 64 14.19 21.22 -21.16
C HIS A 64 14.85 22.61 -21.27
N GLY A 65 14.37 23.56 -20.46
CA GLY A 65 15.00 24.88 -20.36
C GLY A 65 14.84 25.74 -21.62
N GLN A 66 13.97 25.34 -22.55
CA GLN A 66 13.75 26.16 -23.74
C GLN A 66 12.67 27.20 -23.41
N TYR A 67 13.07 28.20 -22.63
CA TYR A 67 12.14 29.15 -22.04
C TYR A 67 11.31 29.88 -23.11
N SER A 68 11.96 30.32 -24.19
CA SER A 68 11.31 31.12 -25.21
C SER A 68 10.22 30.30 -25.88
N ASP A 69 10.45 28.99 -25.99
CA ASP A 69 9.44 28.10 -26.54
C ASP A 69 8.30 27.91 -25.53
N LEU A 70 8.62 27.95 -24.23
CA LEU A 70 7.57 27.84 -23.22
C LEU A 70 6.62 29.03 -23.38
N LEU A 71 7.18 30.19 -23.71
CA LEU A 71 6.39 31.39 -23.88
C LEU A 71 5.54 31.27 -25.14
N ARG A 72 6.09 30.59 -26.16
CA ARG A 72 5.35 30.35 -27.40
C ARG A 72 4.13 29.49 -27.09
N LEU A 73 4.30 28.49 -26.22
CA LEU A 73 3.22 27.59 -25.85
C LEU A 73 2.10 28.34 -25.13
N PHE A 74 2.43 29.24 -24.19
CA PHE A 74 1.41 30.02 -23.53
C PHE A 74 0.77 31.03 -24.48
N GLU A 75 1.50 31.48 -25.51
CA GLU A 75 0.94 32.32 -26.56
C GLU A 75 -0.22 31.59 -27.25
N TYR A 76 0.10 30.38 -27.75
CA TYR A 76 -0.81 29.53 -28.51
C TYR A 76 -2.02 29.17 -27.64
N GLY A 77 -1.79 28.76 -26.39
CA GLY A 77 -2.84 28.20 -25.55
C GLY A 77 -3.59 29.26 -24.74
N GLY A 78 -2.96 30.43 -24.51
CA GLY A 78 -3.51 31.39 -23.57
C GLY A 78 -2.77 31.31 -22.24
N LEU A 79 -2.32 32.47 -21.73
CA LEU A 79 -1.61 32.51 -20.47
C LEU A 79 -2.58 32.07 -19.38
N PRO A 80 -2.14 31.35 -18.34
CA PRO A 80 -3.03 31.03 -17.21
C PRO A 80 -3.68 32.31 -16.68
N PRO A 81 -4.98 32.30 -16.31
CA PRO A 81 -5.81 31.08 -16.30
C PRO A 81 -6.81 30.96 -17.46
N GLN A 82 -6.53 31.64 -18.58
CA GLN A 82 -7.27 31.54 -19.82
C GLN A 82 -7.45 30.08 -20.24
N SER A 83 -6.45 29.25 -19.97
CA SER A 83 -6.56 27.80 -20.07
C SER A 83 -5.96 27.18 -18.82
N ASN A 84 -6.38 25.94 -18.58
CA ASN A 84 -5.73 25.09 -17.60
C ASN A 84 -4.60 24.35 -18.29
N TYR A 85 -3.56 24.03 -17.52
CA TYR A 85 -2.39 23.35 -18.04
C TYR A 85 -2.00 22.21 -17.11
N LEU A 86 -1.58 21.14 -17.76
CA LEU A 86 -0.82 20.08 -17.14
C LEU A 86 0.48 19.92 -17.92
N PHE A 87 1.61 20.08 -17.21
CA PHE A 87 2.92 19.81 -17.78
C PHE A 87 3.38 18.45 -17.30
N LEU A 88 4.17 17.76 -18.13
CA LEU A 88 4.44 16.36 -17.84
C LEU A 88 5.87 16.14 -17.37
N GLY A 89 6.56 17.22 -16.95
CA GLY A 89 7.88 17.12 -16.37
C GLY A 89 8.96 17.50 -17.36
N ASP A 90 10.21 17.39 -16.92
CA ASP A 90 11.39 17.75 -17.67
C ASP A 90 11.36 19.24 -18.03
N TYR A 91 11.41 20.08 -17.00
CA TYR A 91 11.43 21.51 -17.16
C TYR A 91 12.85 21.99 -17.34
N VAL A 92 13.81 21.23 -16.78
CA VAL A 92 15.19 21.65 -16.72
C VAL A 92 16.04 20.65 -17.51
N ASP A 93 17.33 21.01 -17.62
CA ASP A 93 18.35 20.27 -18.34
C ASP A 93 18.32 20.59 -19.84
N ARG A 94 19.53 20.58 -20.43
CA ARG A 94 19.80 20.65 -21.84
C ARG A 94 19.60 22.06 -22.40
N GLY A 95 18.51 22.73 -22.04
CA GLY A 95 18.28 24.09 -22.53
C GLY A 95 19.16 25.13 -21.81
N LYS A 96 19.07 26.39 -22.28
CA LYS A 96 19.90 27.45 -21.75
C LYS A 96 19.23 28.11 -20.55
N GLN A 97 17.91 28.03 -20.47
CA GLN A 97 17.14 28.83 -19.54
C GLN A 97 16.19 27.97 -18.71
N SER A 98 16.77 26.98 -18.02
CA SER A 98 16.03 26.15 -17.09
C SER A 98 15.46 27.01 -15.97
N LEU A 99 16.26 27.97 -15.48
CA LEU A 99 15.82 28.69 -14.29
C LEU A 99 14.56 29.48 -14.62
N GLU A 100 14.56 30.23 -15.73
CA GLU A 100 13.38 31.02 -16.10
C GLU A 100 12.21 30.07 -16.27
N THR A 101 12.49 28.89 -16.85
CA THR A 101 11.47 27.92 -17.18
C THR A 101 10.79 27.44 -15.90
N ILE A 102 11.56 26.88 -14.97
CA ILE A 102 10.99 26.36 -13.74
C ILE A 102 10.43 27.46 -12.85
N CYS A 103 11.09 28.63 -12.76
CA CYS A 103 10.57 29.69 -11.91
C CYS A 103 9.19 30.12 -12.38
N LEU A 104 9.00 30.29 -13.69
CA LEU A 104 7.70 30.69 -14.19
C LEU A 104 6.68 29.61 -13.86
N LEU A 105 7.04 28.35 -14.09
CA LEU A 105 6.07 27.28 -13.97
C LEU A 105 5.65 27.18 -12.50
N LEU A 106 6.61 27.36 -11.58
CA LEU A 106 6.33 27.26 -10.16
C LEU A 106 5.47 28.45 -9.73
N ALA A 107 5.71 29.61 -10.36
CA ALA A 107 4.98 30.81 -10.03
C ALA A 107 3.52 30.62 -10.43
N TYR A 108 3.26 29.97 -11.56
CA TYR A 108 1.89 29.84 -12.04
C TYR A 108 1.19 28.76 -11.24
N LYS A 109 1.94 27.74 -10.81
CA LYS A 109 1.40 26.73 -9.91
C LYS A 109 0.88 27.39 -8.63
N ILE A 110 1.68 28.28 -8.01
CA ILE A 110 1.32 28.91 -6.76
C ILE A 110 0.14 29.87 -6.99
N LYS A 111 0.13 30.45 -8.19
CA LYS A 111 -0.79 31.51 -8.56
C LYS A 111 -2.17 30.94 -8.86
N TYR A 112 -2.21 29.92 -9.73
CA TYR A 112 -3.45 29.28 -10.10
C TYR A 112 -3.36 27.80 -9.74
N PRO A 113 -3.35 27.44 -8.44
CA PRO A 113 -3.12 26.06 -8.01
C PRO A 113 -4.21 25.05 -8.40
N GLU A 114 -5.44 25.52 -8.63
CA GLU A 114 -6.53 24.64 -9.04
C GLU A 114 -6.59 24.55 -10.57
N ASN A 115 -5.78 25.36 -11.27
CA ASN A 115 -5.87 25.47 -12.71
C ASN A 115 -4.55 25.15 -13.42
N PHE A 116 -3.51 24.85 -12.67
CA PHE A 116 -2.17 24.79 -13.23
C PHE A 116 -1.41 23.70 -12.51
N PHE A 117 -0.84 22.75 -13.28
CA PHE A 117 -0.29 21.55 -12.69
C PHE A 117 0.99 21.17 -13.39
N LEU A 118 1.87 20.57 -12.60
CA LEU A 118 3.19 20.17 -13.01
C LEU A 118 3.45 18.78 -12.50
N LEU A 119 3.88 17.86 -13.37
CA LEU A 119 4.30 16.54 -12.93
C LEU A 119 5.81 16.47 -12.86
N ARG A 120 6.29 15.49 -12.11
CA ARG A 120 7.69 15.17 -12.03
C ARG A 120 8.15 14.45 -13.28
N GLY A 121 9.22 14.97 -13.90
CA GLY A 121 9.92 14.30 -14.98
C GLY A 121 11.16 13.61 -14.43
N ASN A 122 11.79 12.72 -15.21
CA ASN A 122 12.96 12.02 -14.69
C ASN A 122 14.11 13.01 -14.50
N HIS A 123 13.99 14.22 -15.06
CA HIS A 123 15.05 15.21 -14.91
C HIS A 123 14.82 16.08 -13.68
N GLU A 124 13.65 16.00 -13.06
CA GLU A 124 13.45 16.62 -11.76
C GLU A 124 13.96 15.68 -10.66
N CYS A 125 15.25 15.38 -10.75
CA CYS A 125 15.88 14.36 -9.95
C CYS A 125 17.35 14.72 -9.86
N ALA A 126 17.90 14.70 -8.64
CA ALA A 126 19.20 15.29 -8.38
C ALA A 126 20.28 14.59 -9.20
N SER A 127 20.21 13.25 -9.27
CA SER A 127 21.30 12.49 -9.88
C SER A 127 21.28 12.70 -11.39
N ILE A 128 20.17 13.18 -11.93
CA ILE A 128 20.09 13.41 -13.36
C ILE A 128 20.49 14.84 -13.64
N ASN A 129 19.76 15.80 -13.03
CA ASN A 129 19.97 17.20 -13.38
C ASN A 129 21.32 17.68 -12.81
N ARG A 130 21.87 16.97 -11.82
CA ARG A 130 23.30 17.09 -11.53
C ARG A 130 24.14 17.16 -12.79
N ILE A 131 23.88 16.24 -13.74
CA ILE A 131 24.79 15.91 -14.84
C ILE A 131 24.41 16.66 -16.10
N TYR A 132 23.11 16.81 -16.38
CA TYR A 132 22.66 17.22 -17.70
C TYR A 132 22.30 18.70 -17.75
N GLY A 133 22.76 19.49 -16.76
CA GLY A 133 22.92 20.92 -16.99
C GLY A 133 22.41 21.83 -15.87
N PHE A 134 21.44 21.34 -15.09
CA PHE A 134 20.70 22.24 -14.22
C PHE A 134 21.58 22.72 -13.08
N TYR A 135 22.21 21.77 -12.38
CA TYR A 135 23.23 22.03 -11.38
C TYR A 135 24.21 23.09 -11.86
N ASP A 136 24.69 22.98 -13.11
CA ASP A 136 25.68 23.93 -13.61
C ASP A 136 25.02 25.28 -13.87
N GLU A 137 23.79 25.28 -14.39
CA GLU A 137 23.11 26.55 -14.62
C GLU A 137 22.91 27.26 -13.28
N CYS A 138 22.63 26.50 -12.21
CA CYS A 138 22.38 27.02 -10.89
C CYS A 138 23.66 27.64 -10.34
N LYS A 139 24.73 26.85 -10.37
CA LYS A 139 26.01 27.30 -9.88
C LYS A 139 26.40 28.61 -10.55
N ARG A 140 26.23 28.69 -11.87
CA ARG A 140 26.86 29.74 -12.64
C ARG A 140 26.06 31.03 -12.54
N ARG A 141 24.74 30.92 -12.35
CA ARG A 141 23.88 32.11 -12.35
C ARG A 141 23.55 32.53 -10.92
N PHE A 142 23.54 31.58 -9.98
CA PHE A 142 23.37 31.88 -8.58
C PHE A 142 24.44 31.16 -7.78
N ASN A 143 24.11 29.95 -7.32
CA ASN A 143 24.95 29.17 -6.42
C ASN A 143 24.32 27.80 -6.26
N VAL A 144 25.02 26.92 -5.58
CA VAL A 144 24.73 25.51 -5.55
C VAL A 144 23.63 25.27 -4.50
N ARG A 145 23.47 26.25 -3.59
CA ARG A 145 22.47 26.21 -2.54
C ARG A 145 21.08 26.31 -3.15
N LEU A 146 20.97 27.10 -4.21
CA LEU A 146 19.72 27.24 -4.93
C LEU A 146 19.40 25.95 -5.68
N TRP A 147 20.44 25.19 -6.05
CA TRP A 147 20.19 23.88 -6.64
C TRP A 147 19.54 22.94 -5.63
N LYS A 148 20.06 22.91 -4.39
CA LYS A 148 19.50 22.01 -3.38
C LYS A 148 18.06 22.42 -3.08
N ILE A 149 17.77 23.73 -3.11
CA ILE A 149 16.42 24.23 -2.85
C ILE A 149 15.43 23.71 -3.91
N PHE A 150 15.83 23.72 -5.18
CA PHE A 150 15.03 23.12 -6.25
C PHE A 150 14.85 21.63 -6.03
N THR A 151 15.92 20.94 -5.66
CA THR A 151 15.87 19.51 -5.42
C THR A 151 14.77 19.15 -4.43
N ASP A 152 14.76 19.86 -3.28
CA ASP A 152 13.78 19.66 -2.23
C ASP A 152 12.37 19.89 -2.77
N CYS A 153 12.25 20.85 -3.70
CA CYS A 153 10.98 21.17 -4.31
C CYS A 153 10.59 20.04 -5.29
N PHE A 154 11.52 19.66 -6.16
CA PHE A 154 11.24 18.61 -7.13
C PHE A 154 10.85 17.31 -6.45
N ASN A 155 11.44 17.05 -5.28
CA ASN A 155 11.18 15.78 -4.61
C ASN A 155 9.72 15.69 -4.18
N CYS A 156 8.93 16.74 -4.40
CA CYS A 156 7.56 16.80 -3.92
C CYS A 156 6.58 16.85 -5.08
N LEU A 157 7.11 17.05 -6.29
CA LEU A 157 6.32 17.11 -7.51
C LEU A 157 5.43 15.87 -7.60
N PRO A 158 4.16 16.05 -7.98
CA PRO A 158 3.27 14.91 -8.14
C PRO A 158 3.73 14.14 -9.36
N VAL A 159 3.20 12.93 -9.52
CA VAL A 159 3.83 11.97 -10.40
C VAL A 159 2.92 11.54 -11.54
N ALA A 160 1.60 11.64 -11.35
CA ALA A 160 0.70 11.31 -12.44
C ALA A 160 -0.56 12.12 -12.33
N ALA A 161 -1.36 12.11 -13.38
CA ALA A 161 -2.61 12.83 -13.38
C ALA A 161 -3.60 12.05 -14.20
N LEU A 162 -4.85 12.07 -13.76
CA LEU A 162 -5.93 11.36 -14.41
C LEU A 162 -6.94 12.42 -14.84
N ILE A 163 -7.28 12.49 -16.12
CA ILE A 163 -8.14 13.54 -16.66
C ILE A 163 -9.52 12.97 -16.98
N ASP A 164 -10.57 13.59 -16.42
CA ASP A 164 -11.93 13.05 -16.44
C ASP A 164 -11.95 11.53 -16.27
N GLU A 165 -11.07 11.00 -15.41
CA GLU A 165 -10.97 9.57 -15.11
C GLU A 165 -10.70 8.68 -16.33
N LYS A 166 -10.26 9.23 -17.47
CA LYS A 166 -10.15 8.44 -18.70
C LYS A 166 -8.77 8.58 -19.35
N ILE A 167 -8.02 9.64 -19.04
CA ILE A 167 -6.71 9.84 -19.62
C ILE A 167 -5.72 9.84 -18.47
N LEU A 168 -4.77 8.92 -18.55
CA LEU A 168 -3.76 8.81 -17.51
C LEU A 168 -2.47 9.39 -18.07
N CYS A 169 -1.89 10.34 -17.32
CA CYS A 169 -0.76 11.11 -17.76
C CYS A 169 0.37 10.87 -16.76
N MET A 170 1.54 10.57 -17.30
CA MET A 170 2.75 10.53 -16.53
C MET A 170 3.88 10.87 -17.50
N HIS A 171 5.03 11.22 -16.95
CA HIS A 171 6.16 11.62 -17.79
C HIS A 171 6.63 10.44 -18.64
N GLY A 172 6.89 9.31 -17.99
CA GLY A 172 7.52 8.18 -18.65
C GLY A 172 6.48 7.20 -19.21
N GLY A 173 6.03 6.26 -18.37
CA GLY A 173 5.15 5.22 -18.88
C GLY A 173 4.61 4.31 -17.79
N LEU A 174 4.18 3.15 -18.24
CA LEU A 174 3.64 2.10 -17.43
C LEU A 174 4.75 1.38 -16.68
N SER A 175 4.35 0.58 -15.70
CA SER A 175 5.24 -0.12 -14.81
C SER A 175 4.78 -1.55 -14.66
N PRO A 176 5.66 -2.56 -14.56
CA PRO A 176 5.17 -3.89 -14.25
C PRO A 176 4.54 -3.93 -12.87
N ASP A 177 4.85 -2.94 -12.01
CA ASP A 177 4.28 -2.92 -10.67
C ASP A 177 3.06 -2.00 -10.57
N LEU A 178 2.60 -1.40 -11.67
CA LEU A 178 1.43 -0.54 -11.60
C LEU A 178 0.20 -1.42 -11.82
N ASN A 179 -0.34 -1.96 -10.71
CA ASN A 179 -1.51 -2.81 -10.78
C ASN A 179 -2.80 -2.06 -10.49
N HIS A 180 -2.76 -1.00 -9.68
CA HIS A 180 -3.93 -0.16 -9.43
C HIS A 180 -3.47 1.28 -9.30
N LEU A 181 -4.31 2.21 -9.77
CA LEU A 181 -3.90 3.59 -9.84
C LEU A 181 -3.68 4.20 -8.46
N ASP A 182 -4.38 3.73 -7.45
CA ASP A 182 -4.21 4.30 -6.13
C ASP A 182 -2.78 4.05 -5.63
N GLN A 183 -2.00 3.17 -6.28
CA GLN A 183 -0.61 2.99 -5.85
C GLN A 183 0.21 4.25 -6.12
N ILE A 184 -0.19 5.04 -7.14
CA ILE A 184 0.47 6.30 -7.40
C ILE A 184 0.13 7.30 -6.30
N ARG A 185 -1.17 7.32 -5.92
CA ARG A 185 -1.60 8.17 -4.83
C ARG A 185 -0.81 7.85 -3.56
N GLY A 186 -0.38 6.60 -3.38
CA GLY A 186 0.25 6.20 -2.13
C GLY A 186 1.77 6.39 -2.11
N LEU A 187 2.35 6.85 -3.23
CA LEU A 187 3.78 7.06 -3.30
C LEU A 187 4.15 8.21 -2.37
N GLN A 188 5.18 7.97 -1.54
CA GLN A 188 5.49 8.84 -0.42
C GLN A 188 6.18 10.05 -1.00
N ARG A 189 5.88 11.26 -0.55
CA ARG A 189 6.30 12.30 -1.45
C ARG A 189 7.74 12.71 -1.18
N PRO A 190 8.13 13.57 -0.21
CA PRO A 190 9.49 14.05 -0.34
C PRO A 190 10.11 12.68 -0.60
N THR A 191 10.52 12.40 -1.85
CA THR A 191 11.41 11.27 -2.18
C THR A 191 12.35 11.64 -3.32
N ASP A 192 13.47 10.92 -3.33
CA ASP A 192 14.26 10.77 -4.52
C ASP A 192 13.60 9.68 -5.38
N VAL A 193 14.05 9.58 -6.64
CA VAL A 193 13.63 8.51 -7.53
C VAL A 193 14.51 7.31 -7.24
N PRO A 194 13.95 6.16 -6.80
CA PRO A 194 14.77 4.97 -6.64
C PRO A 194 15.21 4.46 -8.01
N ASP A 195 16.20 3.57 -7.99
CA ASP A 195 16.80 2.98 -9.18
C ASP A 195 15.80 2.08 -9.90
N ALA A 196 14.76 1.62 -9.16
CA ALA A 196 13.85 0.61 -9.68
C ALA A 196 12.52 0.68 -8.96
N GLY A 197 11.48 0.13 -9.58
CA GLY A 197 10.15 0.03 -8.98
C GLY A 197 9.23 1.12 -9.53
N LEU A 198 8.06 1.23 -8.93
CA LEU A 198 6.98 1.96 -9.57
C LEU A 198 7.39 3.38 -9.94
N LEU A 199 7.89 4.16 -8.97
CA LEU A 199 8.11 5.56 -9.24
C LEU A 199 9.12 5.68 -10.38
N CYS A 200 10.21 4.92 -10.29
CA CYS A 200 11.21 4.89 -11.34
C CYS A 200 10.55 4.68 -12.70
N ASP A 201 9.70 3.64 -12.82
CA ASP A 201 9.13 3.30 -14.11
C ASP A 201 8.20 4.43 -14.54
N LEU A 202 7.43 5.04 -13.63
CA LEU A 202 6.53 6.08 -14.09
C LEU A 202 7.30 7.23 -14.74
N LEU A 203 8.53 7.49 -14.32
CA LEU A 203 9.29 8.61 -14.88
C LEU A 203 10.21 8.16 -16.00
N TRP A 204 10.51 6.86 -16.09
CA TRP A 204 11.58 6.40 -16.98
C TRP A 204 11.12 5.50 -18.13
N SER A 205 10.00 4.77 -18.03
CA SER A 205 9.67 3.75 -19.00
C SER A 205 9.27 4.37 -20.34
N ASP A 206 9.37 3.54 -21.38
CA ASP A 206 9.09 3.96 -22.75
C ASP A 206 8.23 2.91 -23.44
N PRO A 207 7.31 3.36 -24.33
CA PRO A 207 6.65 2.46 -25.28
C PRO A 207 7.65 1.96 -26.29
N SER A 208 7.47 0.73 -26.77
CA SER A 208 8.31 0.21 -27.83
C SER A 208 7.42 -0.42 -28.89
N LYS A 209 7.76 -0.10 -30.15
CA LYS A 209 7.08 -0.69 -31.29
C LYS A 209 7.76 -1.98 -31.65
N GLU A 210 9.00 -2.17 -31.17
CA GLU A 210 9.81 -3.26 -31.64
C GLU A 210 9.78 -4.43 -30.67
N VAL A 211 9.53 -4.16 -29.39
CA VAL A 211 9.61 -5.17 -28.36
C VAL A 211 8.26 -5.32 -27.68
N GLN A 212 7.74 -6.53 -27.73
CA GLN A 212 6.47 -6.85 -27.11
C GLN A 212 6.67 -7.03 -25.62
N GLY A 213 5.57 -6.78 -24.88
CA GLY A 213 5.62 -6.98 -23.44
C GLY A 213 6.63 -6.04 -22.78
N TRP A 214 7.29 -6.55 -21.74
CA TRP A 214 8.27 -5.79 -21.00
C TRP A 214 9.65 -6.06 -21.60
N GLY A 215 10.43 -5.01 -21.80
CA GLY A 215 11.83 -5.18 -22.18
C GLY A 215 12.67 -4.27 -21.30
N MET A 216 13.93 -4.64 -21.11
CA MET A 216 14.88 -3.83 -20.37
C MET A 216 15.07 -2.57 -21.17
N ASN A 217 15.02 -1.41 -20.50
CA ASN A 217 15.16 -0.14 -21.17
C ASN A 217 16.65 0.12 -21.42
N ASP A 218 16.94 0.49 -22.66
CA ASP A 218 18.29 0.81 -23.10
C ASP A 218 18.89 1.98 -22.32
N ARG A 219 18.07 2.90 -21.89
CA ARG A 219 18.54 3.96 -21.01
C ARG A 219 19.32 3.42 -19.83
N GLY A 220 19.07 2.17 -19.41
CA GLY A 220 19.81 1.60 -18.30
C GLY A 220 19.01 1.55 -17.00
N VAL A 221 17.80 2.11 -16.99
CA VAL A 221 16.88 1.89 -15.89
C VAL A 221 15.50 1.66 -16.47
N SER A 222 14.70 0.88 -15.72
CA SER A 222 13.29 0.67 -16.01
C SER A 222 13.13 -0.16 -17.27
N TYR A 223 12.13 0.13 -18.08
CA TYR A 223 11.60 -0.86 -19.01
C TYR A 223 11.10 -0.18 -20.29
N THR A 224 10.95 -1.03 -21.32
CA THR A 224 10.05 -0.75 -22.43
C THR A 224 8.80 -1.60 -22.23
N PHE A 225 7.65 -1.11 -22.72
CA PHE A 225 6.40 -1.84 -22.75
C PHE A 225 5.92 -1.84 -24.19
N GLY A 226 5.42 -2.99 -24.65
CA GLY A 226 4.78 -3.10 -25.97
C GLY A 226 3.31 -2.61 -26.01
N ALA A 227 2.78 -2.54 -27.24
CA ALA A 227 1.42 -2.12 -27.48
C ALA A 227 0.45 -3.07 -26.78
N ASP A 228 0.87 -4.33 -26.57
CA ASP A 228 0.09 -5.31 -25.82
C ASP A 228 -0.17 -4.85 -24.37
N LYS A 229 0.88 -4.34 -23.71
CA LYS A 229 0.79 -3.86 -22.34
C LYS A 229 -0.16 -2.68 -22.26
N VAL A 230 -0.07 -1.77 -23.23
CA VAL A 230 -0.97 -0.62 -23.25
C VAL A 230 -2.42 -1.06 -23.36
N THR A 231 -2.69 -1.96 -24.32
CA THR A 231 -4.03 -2.45 -24.56
C THR A 231 -4.59 -3.04 -23.28
N GLU A 232 -3.81 -3.94 -22.69
CA GLU A 232 -4.22 -4.63 -21.48
C GLU A 232 -4.45 -3.63 -20.36
N PHE A 233 -3.57 -2.64 -20.23
CA PHE A 233 -3.68 -1.73 -19.11
C PHE A 233 -4.94 -0.87 -19.24
N LEU A 234 -5.23 -0.39 -20.44
CA LEU A 234 -6.36 0.51 -20.62
C LEU A 234 -7.65 -0.29 -20.38
N GLU A 235 -7.68 -1.55 -20.82
CA GLU A 235 -8.87 -2.37 -20.67
C GLU A 235 -9.11 -2.68 -19.19
N LYS A 236 -8.02 -2.94 -18.45
CA LYS A 236 -8.10 -3.37 -17.07
C LYS A 236 -8.51 -2.21 -16.17
N HIS A 237 -8.08 -0.99 -16.52
CA HIS A 237 -8.33 0.17 -15.66
C HIS A 237 -9.36 1.09 -16.28
N ASP A 238 -10.08 0.63 -17.31
CA ASP A 238 -11.13 1.40 -17.91
C ASP A 238 -10.68 2.83 -18.22
N LEU A 239 -9.56 2.90 -18.95
CA LEU A 239 -9.01 4.14 -19.47
C LEU A 239 -9.02 4.12 -20.99
N ASP A 240 -9.02 5.30 -21.59
CA ASP A 240 -9.09 5.47 -23.03
C ASP A 240 -7.73 5.84 -23.61
N LEU A 241 -6.87 6.52 -22.84
CA LEU A 241 -5.62 7.04 -23.39
C LEU A 241 -4.58 7.15 -22.29
N ILE A 242 -3.34 6.89 -22.68
CA ILE A 242 -2.19 7.24 -21.90
C ILE A 242 -1.53 8.40 -22.61
N CYS A 243 -1.16 9.41 -21.80
CA CYS A 243 -0.51 10.60 -22.31
C CYS A 243 0.81 10.74 -21.57
N ARG A 244 1.92 10.73 -22.31
CA ARG A 244 3.23 10.75 -21.69
C ARG A 244 4.15 11.54 -22.60
N ALA A 245 5.38 11.69 -22.14
CA ALA A 245 6.37 12.54 -22.80
C ALA A 245 7.70 11.76 -22.91
N HIS A 246 8.79 12.38 -22.46
CA HIS A 246 10.05 11.68 -22.14
C HIS A 246 10.92 11.39 -23.36
N GLN A 247 10.33 11.34 -24.56
CA GLN A 247 11.03 11.01 -25.77
C GLN A 247 10.78 12.11 -26.80
N VAL A 248 11.86 12.52 -27.49
CA VAL A 248 11.72 13.47 -28.58
C VAL A 248 11.10 12.73 -29.76
N VAL A 249 10.09 13.33 -30.38
CA VAL A 249 9.37 12.76 -31.50
C VAL A 249 9.25 13.86 -32.55
N GLU A 250 9.44 13.46 -33.82
CA GLU A 250 9.72 14.36 -34.91
C GLU A 250 8.58 15.37 -35.07
N ASP A 251 7.34 14.92 -34.84
CA ASP A 251 6.19 15.71 -35.21
C ASP A 251 5.59 16.32 -33.95
N GLY A 252 6.30 16.20 -32.81
CA GLY A 252 5.85 16.87 -31.59
C GLY A 252 4.87 16.00 -30.83
N TYR A 253 4.06 15.20 -31.55
CA TYR A 253 3.30 14.16 -30.89
C TYR A 253 3.39 12.91 -31.75
N GLU A 254 3.01 11.80 -31.15
CA GLU A 254 3.18 10.52 -31.78
C GLU A 254 2.35 9.48 -31.02
N PHE A 255 1.48 8.81 -31.79
CA PHE A 255 0.61 7.75 -31.33
C PHE A 255 1.33 6.41 -31.26
N PHE A 256 0.82 5.60 -30.34
CA PHE A 256 1.29 4.26 -30.10
C PHE A 256 0.06 3.37 -29.81
N ALA A 257 0.10 2.12 -30.29
CA ALA A 257 -0.86 1.08 -29.91
C ALA A 257 -2.29 1.50 -30.23
N ASN A 258 -2.54 1.72 -31.50
CA ASN A 258 -3.86 2.05 -32.00
C ASN A 258 -4.33 3.35 -31.35
N ARG A 259 -3.43 4.31 -31.13
CA ARG A 259 -3.76 5.58 -30.50
C ARG A 259 -4.23 5.44 -29.06
N GLN A 260 -3.83 4.37 -28.36
CA GLN A 260 -4.20 4.19 -26.97
C GLN A 260 -3.19 4.93 -26.10
N LEU A 261 -2.11 5.40 -26.74
CA LEU A 261 -1.12 6.16 -26.02
C LEU A 261 -0.65 7.26 -26.94
N VAL A 262 -0.20 8.36 -26.34
CA VAL A 262 0.38 9.39 -27.17
C VAL A 262 1.53 9.98 -26.39
N THR A 263 2.59 10.35 -27.13
CA THR A 263 3.78 10.93 -26.58
C THR A 263 3.69 12.37 -27.02
N VAL A 264 3.87 13.30 -26.07
CA VAL A 264 3.87 14.71 -26.36
C VAL A 264 5.20 15.28 -25.92
N PHE A 265 5.90 15.93 -26.84
CA PHE A 265 7.18 16.56 -26.55
C PHE A 265 7.09 18.01 -27.03
N SER A 266 7.35 18.97 -26.12
CA SER A 266 6.96 20.34 -26.36
C SER A 266 8.15 21.25 -26.67
N ALA A 267 9.35 20.70 -26.66
CA ALA A 267 10.55 21.48 -26.94
C ALA A 267 10.86 21.42 -28.41
N PRO A 268 10.53 22.46 -29.21
CA PRO A 268 10.83 22.41 -30.63
C PRO A 268 12.32 22.47 -30.90
N ASN A 269 12.74 21.75 -31.94
CA ASN A 269 14.13 21.80 -32.34
C ASN A 269 15.03 21.56 -31.13
N TYR A 270 14.78 20.47 -30.39
CA TYR A 270 15.47 20.17 -29.15
C TYR A 270 16.99 20.32 -29.32
N CYS A 271 17.63 20.94 -28.30
CA CYS A 271 19.06 21.23 -28.23
C CYS A 271 19.64 21.93 -29.47
N GLY A 272 18.84 22.66 -30.24
CA GLY A 272 19.26 23.23 -31.52
C GLY A 272 19.68 22.18 -32.55
N GLU A 273 19.22 20.92 -32.41
CA GLU A 273 19.80 19.84 -33.19
C GLU A 273 18.75 18.93 -33.83
N PHE A 274 17.66 18.64 -33.15
CA PHE A 274 16.79 17.54 -33.56
C PHE A 274 15.84 17.94 -34.71
N ASP A 275 15.54 19.23 -34.86
CA ASP A 275 14.65 19.69 -35.92
C ASP A 275 13.23 19.14 -35.73
N ASN A 276 12.91 18.61 -34.56
CA ASN A 276 11.58 18.11 -34.29
C ASN A 276 10.61 19.28 -34.10
N ALA A 277 9.33 18.99 -34.33
CA ALA A 277 8.29 19.88 -33.88
C ALA A 277 7.98 19.59 -32.42
N GLY A 278 7.52 20.64 -31.74
CA GLY A 278 6.97 20.51 -30.42
C GLY A 278 5.45 20.50 -30.50
N ALA A 279 4.79 19.87 -29.51
CA ALA A 279 3.35 19.83 -29.52
C ALA A 279 2.79 20.14 -28.13
N MET A 280 1.51 20.52 -28.15
CA MET A 280 0.67 20.53 -26.97
C MET A 280 -0.64 19.84 -27.34
N MET A 281 -1.21 19.07 -26.41
CA MET A 281 -2.50 18.45 -26.63
C MET A 281 -3.55 19.17 -25.81
N SER A 282 -4.56 19.73 -26.51
CA SER A 282 -5.74 20.30 -25.88
C SER A 282 -6.79 19.19 -25.69
N VAL A 283 -7.31 19.05 -24.47
CA VAL A 283 -8.44 18.14 -24.23
C VAL A 283 -9.67 19.02 -23.99
N ASP A 284 -10.74 18.85 -24.76
CA ASP A 284 -11.92 19.69 -24.51
C ASP A 284 -12.82 18.94 -23.51
N GLU A 285 -13.99 19.50 -23.20
CA GLU A 285 -14.86 19.01 -22.14
C GLU A 285 -15.43 17.64 -22.51
N THR A 286 -15.58 17.37 -23.81
CA THR A 286 -16.07 16.08 -24.28
C THR A 286 -14.93 15.07 -24.44
N LEU A 287 -13.71 15.44 -24.04
CA LEU A 287 -12.50 14.62 -24.20
C LEU A 287 -12.14 14.45 -25.69
N MET A 288 -12.54 15.38 -26.55
CA MET A 288 -11.94 15.44 -27.87
C MET A 288 -10.57 16.10 -27.73
N CYS A 289 -9.53 15.38 -28.21
CA CYS A 289 -8.16 15.79 -28.12
C CYS A 289 -7.67 16.30 -29.47
N SER A 290 -6.87 17.36 -29.44
CA SER A 290 -6.37 18.00 -30.64
C SER A 290 -4.96 18.45 -30.31
N PHE A 291 -4.17 18.78 -31.32
CA PHE A 291 -2.76 19.07 -31.13
C PHE A 291 -2.38 20.36 -31.79
N GLN A 292 -1.70 21.22 -31.03
CA GLN A 292 -1.15 22.46 -31.55
C GLN A 292 0.35 22.22 -31.68
N ILE A 293 0.89 22.59 -32.84
CA ILE A 293 2.25 22.27 -33.23
C ILE A 293 3.10 23.53 -33.20
N LEU A 294 4.37 23.41 -32.80
CA LEU A 294 5.37 24.47 -32.92
C LEU A 294 6.56 23.99 -33.73
N LYS A 295 6.91 24.70 -34.81
CA LYS A 295 8.12 24.46 -35.57
C LYS A 295 9.05 25.67 -35.43
N ASP B 3 23.27 -20.53 8.00
CA ASP B 3 23.90 -20.38 6.65
C ASP B 3 22.96 -21.02 5.61
N LEU B 4 21.93 -20.26 5.20
CA LEU B 4 20.99 -20.66 4.17
C LEU B 4 21.33 -19.86 2.91
N LEU B 5 20.49 -19.96 1.89
CA LEU B 5 20.54 -19.03 0.78
C LEU B 5 19.23 -18.25 0.69
N GLY B 6 19.32 -16.97 0.34
CA GLY B 6 18.14 -16.23 -0.10
C GLY B 6 17.55 -16.83 -1.37
N LEU B 7 16.28 -16.49 -1.61
CA LEU B 7 15.54 -16.93 -2.79
C LEU B 7 16.26 -16.50 -4.08
N PHE B 8 16.95 -15.35 -4.03
CA PHE B 8 17.57 -14.75 -5.20
C PHE B 8 19.08 -14.97 -5.18
N ALA B 9 19.55 -15.95 -4.40
CA ALA B 9 20.95 -16.33 -4.46
C ALA B 9 21.33 -16.64 -5.89
N LYS B 10 22.55 -16.24 -6.28
CA LYS B 10 23.11 -16.55 -7.60
C LYS B 10 23.08 -18.05 -7.90
N SER B 11 23.36 -18.90 -6.93
CA SER B 11 23.32 -20.32 -7.21
C SER B 11 21.92 -20.70 -7.71
N LYS B 12 20.87 -20.08 -7.14
CA LYS B 12 19.53 -20.48 -7.52
C LYS B 12 19.15 -19.89 -8.88
N LEU B 13 19.62 -18.68 -9.18
CA LEU B 13 19.30 -18.02 -10.45
C LEU B 13 19.88 -18.84 -11.60
N LYS B 14 21.11 -19.34 -11.42
CA LYS B 14 21.76 -20.19 -12.40
C LYS B 14 20.99 -21.49 -12.62
N LYS B 15 20.62 -22.15 -11.55
CA LYS B 15 19.80 -23.34 -11.66
C LYS B 15 18.51 -23.03 -12.42
N MET B 16 17.92 -21.84 -12.19
CA MET B 16 16.69 -21.49 -12.89
C MET B 16 16.93 -21.38 -14.39
N MET B 17 18.09 -20.83 -14.80
CA MET B 17 18.51 -20.78 -16.20
C MET B 17 18.59 -22.19 -16.82
N LYS B 18 18.99 -23.17 -16.00
CA LYS B 18 19.29 -24.52 -16.46
C LYS B 18 18.08 -25.45 -16.37
N SER B 19 17.12 -25.15 -15.50
CA SER B 19 16.02 -26.09 -15.28
C SER B 19 14.67 -25.36 -15.26
N GLU B 20 13.84 -25.69 -16.24
CA GLU B 20 12.50 -25.16 -16.44
C GLU B 20 11.62 -25.45 -15.22
N SER B 21 11.69 -26.68 -14.68
CA SER B 21 10.84 -27.03 -13.55
C SER B 21 11.28 -26.27 -12.30
N PHE B 22 12.59 -26.23 -12.04
CA PHE B 22 13.12 -25.45 -10.93
C PHE B 22 12.71 -23.97 -11.05
N LYS B 23 12.90 -23.42 -12.25
CA LYS B 23 12.57 -22.05 -12.56
C LYS B 23 11.11 -21.76 -12.20
N LEU B 24 10.19 -22.63 -12.66
CA LEU B 24 8.76 -22.46 -12.43
C LEU B 24 8.47 -22.40 -10.93
N LYS B 25 9.14 -23.27 -10.16
CA LYS B 25 8.96 -23.31 -8.72
C LYS B 25 9.40 -22.00 -8.08
N ARG B 26 10.55 -21.47 -8.51
CA ARG B 26 11.04 -20.24 -7.92
C ARG B 26 10.13 -19.06 -8.32
N PHE B 27 9.65 -19.05 -9.55
CA PHE B 27 8.76 -18.01 -10.03
C PHE B 27 7.52 -17.96 -9.15
N GLY B 28 7.07 -19.16 -8.75
CA GLY B 28 5.99 -19.33 -7.78
C GLY B 28 6.17 -18.43 -6.57
N GLU B 29 7.39 -18.41 -6.06
CA GLU B 29 7.79 -17.57 -4.95
C GLU B 29 8.09 -16.13 -5.32
N TRP B 30 8.64 -15.88 -6.52
CA TRP B 30 8.85 -14.52 -6.98
C TRP B 30 7.54 -13.73 -7.00
N ASP B 31 6.44 -14.42 -7.26
CA ASP B 31 5.10 -13.85 -7.12
C ASP B 31 4.84 -13.21 -5.73
N ASP B 32 5.64 -13.43 -4.70
CA ASP B 32 5.35 -12.85 -3.39
C ASP B 32 5.90 -11.43 -3.27
N PHE B 33 6.67 -11.07 -4.28
CA PHE B 33 7.38 -9.81 -4.38
C PHE B 33 6.95 -8.97 -5.57
N THR B 34 7.12 -7.67 -5.37
CA THR B 34 7.01 -6.70 -6.45
C THR B 34 8.14 -6.94 -7.44
N VAL B 35 7.90 -6.41 -8.65
CA VAL B 35 8.92 -6.51 -9.68
C VAL B 35 10.10 -5.62 -9.28
N GLY B 36 9.83 -4.40 -8.78
CA GLY B 36 10.90 -3.53 -8.27
C GLY B 36 11.85 -4.26 -7.33
N TYR B 37 11.27 -5.00 -6.37
CA TYR B 37 12.01 -5.77 -5.38
C TYR B 37 12.90 -6.79 -6.07
N ILE B 38 12.34 -7.47 -7.06
CA ILE B 38 13.00 -8.54 -7.77
C ILE B 38 14.15 -7.97 -8.59
N ARG B 39 13.87 -6.88 -9.31
CA ARG B 39 14.91 -6.31 -10.15
C ARG B 39 16.11 -5.90 -9.30
N GLU B 40 15.89 -5.19 -8.17
CA GLU B 40 16.99 -4.85 -7.27
C GLU B 40 17.72 -6.13 -6.82
N LYS B 41 17.01 -7.22 -6.49
CA LYS B 41 17.67 -8.46 -6.09
C LYS B 41 18.53 -9.09 -7.19
N LEU B 42 18.12 -8.97 -8.45
CA LEU B 42 18.82 -9.59 -9.56
C LEU B 42 20.16 -8.88 -9.84
N LYS B 43 20.29 -7.63 -9.38
CA LYS B 43 21.57 -6.94 -9.42
C LYS B 43 22.09 -6.88 -10.86
N ASN B 44 21.20 -6.61 -11.83
CA ASN B 44 21.52 -6.42 -13.25
C ASN B 44 22.14 -7.65 -13.90
N LYS B 45 21.81 -8.83 -13.41
CA LYS B 45 22.22 -10.07 -14.05
C LYS B 45 20.94 -10.89 -14.26
N TYR B 46 21.00 -11.88 -15.14
CA TYR B 46 19.81 -12.67 -15.37
C TYR B 46 18.64 -11.78 -15.81
N PRO B 47 18.79 -10.82 -16.75
CA PRO B 47 17.62 -10.16 -17.34
C PRO B 47 16.68 -11.11 -18.11
N ASP B 48 17.23 -12.20 -18.68
CA ASP B 48 16.44 -13.20 -19.40
C ASP B 48 15.43 -13.87 -18.46
N LEU B 49 15.85 -14.14 -17.22
CA LEU B 49 14.94 -14.66 -16.20
C LEU B 49 13.86 -13.63 -15.92
N LEU B 50 14.24 -12.38 -15.78
CA LEU B 50 13.25 -11.41 -15.37
C LEU B 50 12.20 -11.22 -16.47
N LEU B 51 12.66 -11.13 -17.73
CA LEU B 51 11.72 -10.89 -18.82
C LEU B 51 10.86 -12.14 -19.08
N ASN B 52 11.45 -13.32 -18.94
CA ASN B 52 10.69 -14.56 -19.00
C ASN B 52 9.61 -14.60 -17.91
N TYR B 53 9.98 -14.27 -16.66
CA TYR B 53 9.05 -14.13 -15.57
C TYR B 53 7.94 -13.14 -16.00
N LEU B 54 8.30 -11.97 -16.55
CA LEU B 54 7.34 -10.89 -16.82
C LEU B 54 6.48 -11.21 -18.04
N ASN B 55 7.02 -11.89 -19.03
CA ASN B 55 6.35 -11.95 -20.31
C ASN B 55 5.73 -13.30 -20.55
N VAL B 56 6.32 -14.35 -20.00
CA VAL B 56 5.86 -15.72 -20.26
C VAL B 56 5.10 -16.31 -19.05
N TYR B 57 5.69 -16.26 -17.85
CA TYR B 57 5.12 -16.93 -16.69
C TYR B 57 3.96 -16.11 -16.13
N LYS B 58 4.17 -14.83 -15.92
CA LYS B 58 3.09 -13.98 -15.47
C LYS B 58 2.05 -13.86 -16.57
N LYS B 59 0.78 -14.07 -16.19
CA LYS B 59 -0.34 -13.88 -17.10
C LYS B 59 -1.15 -12.65 -16.64
N ALA B 60 -1.59 -11.83 -17.61
CA ALA B 60 -2.43 -10.68 -17.34
C ALA B 60 -3.90 -11.11 -17.40
N GLY B 61 -4.81 -10.31 -16.84
CA GLY B 61 -6.16 -10.75 -16.55
C GLY B 61 -7.09 -10.73 -17.76
N ASN B 62 -7.54 -9.53 -18.14
CA ASN B 62 -8.84 -9.30 -18.76
C ASN B 62 -9.88 -9.08 -17.66
N GLU B 63 -9.50 -9.35 -16.40
CA GLU B 63 -10.12 -8.73 -15.24
C GLU B 63 -10.12 -7.22 -15.44
N ILE B 64 -11.30 -6.62 -15.46
CA ILE B 64 -11.44 -5.18 -15.36
C ILE B 64 -11.47 -4.86 -13.87
N VAL B 65 -10.55 -4.00 -13.39
CA VAL B 65 -10.48 -3.72 -11.96
C VAL B 65 -10.94 -2.29 -11.67
N ARG B 66 -11.36 -1.54 -12.68
CA ARG B 66 -11.76 -0.18 -12.42
C ARG B 66 -12.94 0.19 -13.32
N HIS B 67 -13.80 1.08 -12.84
CA HIS B 67 -14.79 1.69 -13.67
C HIS B 67 -14.74 3.19 -13.46
N ALA B 68 -14.65 3.92 -14.56
CA ALA B 68 -14.57 5.37 -14.54
C ALA B 68 -15.98 5.93 -14.60
N ASN B 69 -16.28 6.94 -13.80
CA ASN B 69 -17.66 7.41 -13.66
C ASN B 69 -17.98 8.48 -14.69
N ASN B 70 -16.98 8.85 -15.49
CA ASN B 70 -17.08 9.80 -16.58
C ASN B 70 -17.65 9.10 -17.81
N PRO B 71 -18.80 9.57 -18.36
CA PRO B 71 -19.39 8.97 -19.54
C PRO B 71 -18.65 9.33 -20.83
N ASN B 72 -17.78 10.35 -20.76
CA ASN B 72 -17.06 10.76 -21.93
C ASN B 72 -16.05 9.67 -22.33
N LYS B 73 -15.68 9.75 -23.61
CA LYS B 73 -14.78 8.83 -24.26
C LYS B 73 -13.89 9.67 -25.16
N VAL B 74 -12.60 9.33 -25.15
CA VAL B 74 -11.58 10.11 -25.83
C VAL B 74 -11.80 9.99 -27.32
N THR B 75 -11.69 11.11 -28.03
CA THR B 75 -11.69 11.14 -29.47
C THR B 75 -10.56 12.05 -29.94
N PHE B 76 -10.19 11.91 -31.21
CA PHE B 76 -9.20 12.79 -31.80
C PHE B 76 -9.83 13.61 -32.89
N SER B 77 -9.51 14.90 -32.88
CA SER B 77 -9.94 15.80 -33.92
C SER B 77 -9.19 15.47 -35.23
N ASN B 78 -9.91 15.58 -36.35
CA ASN B 78 -9.30 15.75 -37.66
C ASN B 78 -7.80 16.12 -37.55
N VAL C 7 -6.24 -24.21 40.86
CA VAL C 7 -6.97 -25.18 39.99
C VAL C 7 -6.31 -26.55 40.19
N LEU C 8 -7.04 -27.46 40.84
CA LEU C 8 -6.52 -28.78 41.16
C LEU C 8 -6.03 -29.44 39.86
N ASP C 9 -4.70 -29.64 39.81
CA ASP C 9 -3.97 -30.14 38.67
C ASP C 9 -4.47 -31.54 38.25
N ASP C 10 -5.07 -32.28 39.18
CA ASP C 10 -5.59 -33.61 38.90
C ASP C 10 -6.84 -33.50 38.03
N ILE C 11 -7.73 -32.58 38.39
CA ILE C 11 -8.95 -32.34 37.62
C ILE C 11 -8.56 -31.93 36.20
N ILE C 12 -7.58 -31.03 36.09
CA ILE C 12 -7.26 -30.46 34.78
C ILE C 12 -6.70 -31.55 33.86
N THR C 13 -5.90 -32.51 34.37
CA THR C 13 -5.34 -33.49 33.46
C THR C 13 -6.41 -34.54 33.04
N ARG C 14 -7.33 -34.91 33.93
CA ARG C 14 -8.42 -35.80 33.53
C ARG C 14 -9.24 -35.10 32.44
N LEU C 15 -9.45 -33.79 32.59
CA LEU C 15 -10.17 -33.03 31.58
C LEU C 15 -9.45 -33.10 30.24
N LEU C 16 -8.13 -32.92 30.22
CA LEU C 16 -7.40 -32.98 28.96
C LEU C 16 -7.53 -34.37 28.34
N GLU C 17 -7.36 -35.38 29.21
CA GLU C 17 -7.32 -36.75 28.75
C GLU C 17 -8.63 -37.07 28.04
N VAL C 18 -9.72 -36.66 28.67
CA VAL C 18 -11.05 -36.94 28.16
C VAL C 18 -11.26 -36.20 26.83
N LYS C 19 -10.91 -34.92 26.78
CA LYS C 19 -11.03 -34.18 25.53
C LYS C 19 -10.15 -34.77 24.42
N GLY C 20 -8.98 -35.33 24.77
CA GLY C 20 -8.10 -35.93 23.77
C GLY C 20 -8.69 -37.15 23.05
N LYS C 21 -9.72 -37.79 23.63
CA LYS C 21 -10.17 -39.13 23.28
C LYS C 21 -11.26 -39.27 22.21
N PRO C 22 -12.01 -38.22 21.76
CA PRO C 22 -13.00 -38.36 20.69
C PRO C 22 -12.63 -38.94 19.32
N GLY C 23 -13.63 -39.60 18.69
CA GLY C 23 -13.78 -39.79 17.26
C GLY C 23 -14.98 -38.99 16.76
N LYS C 24 -16.08 -38.98 17.54
CA LYS C 24 -16.97 -37.82 17.68
C LYS C 24 -17.89 -38.05 18.88
N GLN C 25 -17.62 -37.36 20.00
CA GLN C 25 -18.27 -37.61 21.29
C GLN C 25 -18.56 -36.28 22.00
N VAL C 26 -19.46 -36.33 23.00
CA VAL C 26 -19.73 -35.20 23.89
C VAL C 26 -19.40 -35.63 25.33
N VAL C 27 -18.80 -34.70 26.11
CA VAL C 27 -18.31 -34.99 27.44
C VAL C 27 -18.33 -33.69 28.25
N LEU C 28 -17.83 -33.75 29.49
CA LEU C 28 -17.57 -32.60 30.36
C LEU C 28 -18.84 -32.09 31.04
N THR C 29 -18.69 -31.60 32.27
CA THR C 29 -19.82 -31.03 32.99
C THR C 29 -19.83 -29.52 32.84
N GLU C 30 -21.00 -28.92 33.07
CA GLU C 30 -21.10 -27.46 33.07
C GLU C 30 -20.13 -26.87 34.10
N ALA C 31 -20.06 -27.48 35.29
CA ALA C 31 -19.19 -26.98 36.34
C ALA C 31 -17.72 -27.07 35.92
N GLU C 32 -17.34 -28.08 35.13
CA GLU C 32 -15.95 -28.21 34.72
C GLU C 32 -15.67 -27.10 33.72
N ILE C 33 -16.61 -26.94 32.79
CA ILE C 33 -16.42 -25.95 31.75
C ILE C 33 -16.31 -24.59 32.42
N LYS C 34 -17.15 -24.37 33.42
CA LYS C 34 -17.17 -23.13 34.18
C LYS C 34 -15.79 -22.89 34.80
N GLN C 35 -15.19 -23.98 35.29
CA GLN C 35 -13.92 -23.89 35.99
C GLN C 35 -12.81 -23.48 35.03
N LEU C 36 -12.74 -24.16 33.89
CA LEU C 36 -11.79 -23.77 32.86
C LEU C 36 -11.91 -22.29 32.57
N CYS C 37 -13.14 -21.77 32.43
CA CYS C 37 -13.35 -20.38 32.03
C CYS C 37 -12.84 -19.42 33.11
N LEU C 38 -13.12 -19.71 34.39
CA LEU C 38 -12.71 -18.88 35.52
C LEU C 38 -11.18 -18.84 35.61
N VAL C 39 -10.56 -20.01 35.56
CA VAL C 39 -9.15 -20.12 35.85
C VAL C 39 -8.36 -19.62 34.65
N ALA C 40 -8.78 -19.98 33.43
CA ALA C 40 -8.12 -19.45 32.27
C ALA C 40 -8.22 -17.92 32.27
N LYS C 41 -9.40 -17.37 32.51
CA LYS C 41 -9.59 -15.92 32.61
C LYS C 41 -8.57 -15.30 33.57
N GLU C 42 -8.36 -15.88 34.75
CA GLU C 42 -7.43 -15.29 35.69
C GLU C 42 -6.02 -15.36 35.12
N THR C 43 -5.71 -16.43 34.41
CA THR C 43 -4.41 -16.58 33.77
C THR C 43 -4.19 -15.51 32.70
N PHE C 44 -5.20 -15.26 31.87
CA PHE C 44 -5.08 -14.26 30.84
C PHE C 44 -4.80 -12.89 31.47
N LEU C 45 -5.44 -12.61 32.59
CA LEU C 45 -5.34 -11.30 33.20
C LEU C 45 -4.04 -11.12 33.96
N ARG C 46 -3.36 -12.21 34.35
CA ARG C 46 -2.02 -12.11 34.93
C ARG C 46 -1.06 -11.66 33.84
N GLN C 47 -1.19 -12.23 32.65
CA GLN C 47 -0.24 -12.01 31.58
C GLN C 47 -0.65 -10.76 30.82
N PRO C 48 0.29 -10.02 30.19
CA PRO C 48 -0.10 -8.78 29.50
C PRO C 48 -0.96 -8.94 28.24
N ASN C 49 -1.58 -7.81 27.84
CA ASN C 49 -2.49 -7.78 26.70
C ASN C 49 -1.68 -7.80 25.41
N LEU C 50 -0.43 -7.32 25.47
CA LEU C 50 0.50 -7.57 24.38
C LEU C 50 1.50 -8.61 24.86
N LEU C 51 1.44 -9.81 24.31
CA LEU C 51 2.30 -10.88 24.81
C LEU C 51 3.71 -10.70 24.26
N GLU C 52 4.71 -11.06 25.05
CA GLU C 52 6.08 -10.93 24.61
C GLU C 52 6.71 -12.31 24.69
N LEU C 53 6.73 -12.99 23.54
CA LEU C 53 7.01 -14.41 23.52
C LEU C 53 8.36 -14.69 22.88
N GLU C 54 8.92 -15.85 23.19
CA GLU C 54 10.19 -16.24 22.61
C GLU C 54 9.96 -17.44 21.70
N ALA C 55 10.74 -17.53 20.62
CA ALA C 55 10.76 -18.72 19.79
C ALA C 55 11.64 -19.75 20.48
N PRO C 56 11.55 -21.06 20.19
CA PRO C 56 10.66 -21.60 19.16
C PRO C 56 9.20 -21.60 19.58
N ILE C 57 8.29 -21.50 18.60
CA ILE C 57 6.87 -21.47 18.87
C ILE C 57 6.11 -21.80 17.60
N LYS C 58 4.91 -22.38 17.77
CA LYS C 58 4.06 -22.77 16.65
C LYS C 58 2.83 -21.88 16.69
N ILE C 59 2.43 -21.38 15.53
CA ILE C 59 1.41 -20.35 15.44
C ILE C 59 0.29 -20.83 14.52
N CYS C 60 -0.91 -20.93 15.08
CA CYS C 60 -2.08 -21.34 14.33
C CYS C 60 -3.09 -20.21 14.22
N GLY C 61 -3.78 -20.24 13.08
CA GLY C 61 -4.83 -19.31 12.79
C GLY C 61 -6.17 -19.94 13.13
N ASP C 62 -7.20 -19.48 12.46
CA ASP C 62 -8.58 -19.81 12.77
C ASP C 62 -8.77 -21.33 12.77
N ILE C 63 -9.58 -21.78 13.75
CA ILE C 63 -10.01 -23.15 13.97
C ILE C 63 -11.50 -23.30 13.72
N HIS C 64 -12.28 -22.35 14.24
CA HIS C 64 -13.71 -22.29 14.01
C HIS C 64 -14.40 -23.63 14.30
N GLY C 65 -14.12 -24.19 15.49
CA GLY C 65 -14.84 -25.35 15.99
C GLY C 65 -14.51 -26.65 15.23
N GLN C 66 -13.47 -26.64 14.39
CA GLN C 66 -13.07 -27.84 13.69
C GLN C 66 -12.17 -28.66 14.61
N TYR C 67 -12.76 -29.28 15.64
CA TYR C 67 -12.01 -29.90 16.71
C TYR C 67 -11.08 -31.00 16.21
N SER C 68 -11.56 -31.85 15.31
CA SER C 68 -10.76 -33.00 14.87
C SER C 68 -9.54 -32.49 14.08
N ASP C 69 -9.69 -31.33 13.41
CA ASP C 69 -8.55 -30.70 12.79
C ASP C 69 -7.61 -30.12 13.85
N LEU C 70 -8.14 -29.67 14.98
CA LEU C 70 -7.27 -29.14 16.03
C LEU C 70 -6.39 -30.27 16.53
N LEU C 71 -6.95 -31.48 16.56
CA LEU C 71 -6.18 -32.62 17.03
C LEU C 71 -5.10 -32.97 15.99
N ARG C 72 -5.43 -32.79 14.72
CA ARG C 72 -4.46 -32.98 13.64
C ARG C 72 -3.30 -31.99 13.78
N LEU C 73 -3.60 -30.75 14.16
CA LEU C 73 -2.59 -29.73 14.34
C LEU C 73 -1.63 -30.08 15.49
N PHE C 74 -2.16 -30.55 16.63
CA PHE C 74 -1.28 -30.95 17.72
C PHE C 74 -0.53 -32.22 17.35
N GLU C 75 -1.09 -33.07 16.47
CA GLU C 75 -0.36 -34.23 15.96
C GLU C 75 0.91 -33.79 15.25
N TYR C 76 0.73 -32.91 14.26
CA TYR C 76 1.80 -32.36 13.44
C TYR C 76 2.86 -31.66 14.30
N GLY C 77 2.42 -30.80 15.22
CA GLY C 77 3.35 -29.96 15.97
C GLY C 77 3.89 -30.61 17.25
N GLY C 78 3.17 -31.59 17.80
CA GLY C 78 3.49 -32.12 19.11
C GLY C 78 2.56 -31.54 20.17
N LEU C 79 1.95 -32.42 20.96
CA LEU C 79 1.03 -31.99 22.01
C LEU C 79 1.83 -31.17 23.00
N PRO C 80 1.25 -30.10 23.59
CA PRO C 80 1.97 -29.35 24.62
C PRO C 80 2.42 -30.31 25.73
N PRO C 81 3.65 -30.17 26.29
CA PRO C 81 4.55 -29.06 26.00
C PRO C 81 5.73 -29.37 25.10
N GLN C 82 5.61 -30.43 24.27
CA GLN C 82 6.63 -30.77 23.28
C GLN C 82 6.93 -29.59 22.35
N SER C 83 5.92 -28.75 22.10
CA SER C 83 6.11 -27.45 21.49
C SER C 83 5.32 -26.40 22.25
N ASN C 84 5.70 -25.14 22.02
CA ASN C 84 4.94 -23.98 22.44
C ASN C 84 4.02 -23.57 21.30
N TYR C 85 2.89 -22.95 21.67
CA TYR C 85 1.87 -22.56 20.72
C TYR C 85 1.39 -21.14 21.00
N LEU C 86 1.08 -20.46 19.90
CA LEU C 86 0.31 -19.24 19.91
C LEU C 86 -0.80 -19.42 18.90
N PHE C 87 -2.05 -19.29 19.35
CA PHE C 87 -3.21 -19.35 18.48
C PHE C 87 -3.70 -17.92 18.28
N LEU C 88 -4.21 -17.64 17.09
CA LEU C 88 -4.49 -16.26 16.75
C LEU C 88 -5.97 -15.92 16.83
N GLY C 89 -6.77 -16.76 17.53
CA GLY C 89 -8.17 -16.44 17.77
C GLY C 89 -9.08 -17.22 16.82
N ASP C 90 -10.37 -16.96 16.96
CA ASP C 90 -11.43 -17.63 16.21
C ASP C 90 -11.43 -19.13 16.52
N TYR C 91 -11.71 -19.45 17.77
CA TYR C 91 -11.79 -20.84 18.23
C TYR C 91 -13.16 -21.42 17.96
N VAL C 92 -14.16 -20.52 17.99
CA VAL C 92 -15.55 -20.92 17.95
C VAL C 92 -16.18 -20.36 16.68
N ASP C 93 -17.46 -20.73 16.51
CA ASP C 93 -18.30 -20.40 15.37
C ASP C 93 -17.98 -21.32 14.18
N ARG C 94 -19.04 -21.57 13.40
CA ARG C 94 -19.01 -22.20 12.09
C ARG C 94 -18.78 -23.70 12.17
N GLY C 95 -17.84 -24.13 13.01
CA GLY C 95 -17.64 -25.56 13.19
C GLY C 95 -18.71 -26.19 14.08
N LYS C 96 -18.64 -27.53 14.16
CA LYS C 96 -19.62 -28.33 14.87
C LYS C 96 -19.21 -28.47 16.33
N GLN C 97 -17.90 -28.35 16.60
CA GLN C 97 -17.36 -28.68 17.91
C GLN C 97 -16.53 -27.53 18.47
N SER C 98 -17.16 -26.35 18.57
CA SER C 98 -16.56 -25.21 19.23
C SER C 98 -16.23 -25.54 20.67
N LEU C 99 -17.13 -26.26 21.34
CA LEU C 99 -16.96 -26.41 22.77
C LEU C 99 -15.70 -27.23 23.04
N GLU C 100 -15.54 -28.37 22.36
CA GLU C 100 -14.36 -29.20 22.57
C GLU C 100 -13.13 -28.37 22.23
N THR C 101 -13.25 -27.54 21.19
CA THR C 101 -12.13 -26.77 20.69
C THR C 101 -11.67 -25.78 21.76
N ILE C 102 -12.57 -24.93 22.23
CA ILE C 102 -12.21 -23.92 23.21
C ILE C 102 -11.84 -24.56 24.55
N CYS C 103 -12.58 -25.62 24.98
CA CYS C 103 -12.25 -26.22 26.27
C CYS C 103 -10.82 -26.74 26.26
N LEU C 104 -10.40 -27.41 25.18
CA LEU C 104 -9.05 -27.96 25.14
C LEU C 104 -8.04 -26.82 25.18
N LEU C 105 -8.30 -25.77 24.42
CA LEU C 105 -7.31 -24.71 24.31
C LEU C 105 -7.14 -24.04 25.67
N LEU C 106 -8.27 -23.86 26.38
CA LEU C 106 -8.26 -23.20 27.69
C LEU C 106 -7.56 -24.10 28.70
N ALA C 107 -7.72 -25.42 28.54
CA ALA C 107 -7.15 -26.37 29.46
C ALA C 107 -5.64 -26.32 29.33
N TYR C 108 -5.13 -26.18 28.12
CA TYR C 108 -3.69 -26.21 27.91
C TYR C 108 -3.09 -24.88 28.33
N LYS C 109 -3.85 -23.79 28.17
CA LYS C 109 -3.44 -22.49 28.68
C LYS C 109 -3.20 -22.57 30.19
N ILE C 110 -4.12 -23.17 30.93
CA ILE C 110 -4.04 -23.26 32.39
C ILE C 110 -2.88 -24.17 32.78
N LYS C 111 -2.66 -25.17 31.93
CA LYS C 111 -1.74 -26.25 32.18
C LYS C 111 -0.30 -25.81 31.93
N TYR C 112 -0.06 -25.20 30.76
CA TYR C 112 1.26 -24.73 30.39
C TYR C 112 1.20 -23.25 30.11
N PRO C 113 0.94 -22.39 31.13
CA PRO C 113 0.69 -20.96 30.91
C PRO C 113 1.86 -20.14 30.34
N GLU C 114 3.10 -20.61 30.57
CA GLU C 114 4.27 -19.91 30.05
C GLU C 114 4.60 -20.43 28.64
N ASN C 115 3.93 -21.50 28.19
CA ASN C 115 4.27 -22.16 26.97
C ASN C 115 3.12 -22.21 25.95
N PHE C 116 1.95 -21.70 26.33
CA PHE C 116 0.74 -21.93 25.55
C PHE C 116 -0.10 -20.66 25.59
N PHE C 117 -0.50 -20.15 24.43
CA PHE C 117 -1.05 -18.80 24.38
C PHE C 117 -2.14 -18.73 23.35
N LEU C 118 -3.12 -17.89 23.67
CA LEU C 118 -4.32 -17.74 22.89
C LEU C 118 -4.58 -16.26 22.74
N LEU C 119 -4.82 -15.77 21.52
CA LEU C 119 -5.24 -14.41 21.31
C LEU C 119 -6.73 -14.38 21.07
N ARG C 120 -7.29 -13.18 21.22
CA ARG C 120 -8.67 -12.91 20.90
C ARG C 120 -8.83 -12.77 19.39
N GLY C 121 -9.81 -13.49 18.84
CA GLY C 121 -10.28 -13.33 17.48
C GLY C 121 -11.57 -12.50 17.46
N ASN C 122 -12.02 -12.06 16.27
CA ASN C 122 -13.20 -11.24 16.24
C ASN C 122 -14.41 -12.09 16.61
N HIS C 123 -14.25 -13.42 16.65
CA HIS C 123 -15.36 -14.28 16.99
C HIS C 123 -15.43 -14.53 18.49
N GLU C 124 -14.37 -14.19 19.22
CA GLU C 124 -14.44 -14.22 20.67
C GLU C 124 -15.07 -12.92 21.16
N CYS C 125 -16.31 -12.70 20.73
CA CYS C 125 -17.02 -11.47 20.95
C CYS C 125 -18.50 -11.82 20.93
N ALA C 126 -19.24 -11.33 21.94
CA ALA C 126 -20.59 -11.83 22.18
C ALA C 126 -21.49 -11.50 20.98
N SER C 127 -21.36 -10.28 20.43
CA SER C 127 -22.29 -9.87 19.37
C SER C 127 -22.03 -10.68 18.09
N ILE C 128 -20.84 -11.30 17.97
CA ILE C 128 -20.54 -12.10 16.80
C ILE C 128 -20.97 -13.53 17.05
N ASN C 129 -20.41 -14.14 18.09
CA ASN C 129 -20.59 -15.56 18.31
C ASN C 129 -22.03 -15.82 18.77
N ARG C 130 -22.72 -14.79 19.27
CA ARG C 130 -24.17 -14.84 19.38
C ARG C 130 -24.81 -15.44 18.12
N ILE C 131 -24.35 -14.98 16.95
CA ILE C 131 -25.04 -15.17 15.67
C ILE C 131 -24.48 -16.38 14.91
N TYR C 132 -23.15 -16.54 14.94
CA TYR C 132 -22.48 -17.40 13.98
C TYR C 132 -22.17 -18.79 14.54
N GLY C 133 -22.80 -19.17 15.65
CA GLY C 133 -22.93 -20.59 15.96
C GLY C 133 -22.73 -20.91 17.44
N PHE C 134 -21.94 -20.10 18.13
CA PHE C 134 -21.42 -20.55 19.40
C PHE C 134 -22.51 -20.56 20.45
N TYR C 135 -23.22 -19.42 20.56
CA TYR C 135 -24.43 -19.32 21.39
C TYR C 135 -25.34 -20.52 21.16
N ASP C 136 -25.59 -20.91 19.90
CA ASP C 136 -26.51 -22.02 19.62
C ASP C 136 -25.88 -23.35 20.04
N GLU C 137 -24.57 -23.51 19.83
CA GLU C 137 -23.94 -24.76 20.23
C GLU C 137 -24.01 -24.88 21.76
N CYS C 138 -23.86 -23.74 22.45
CA CYS C 138 -23.91 -23.69 23.91
C CYS C 138 -25.31 -24.06 24.38
N LYS C 139 -26.31 -23.37 23.83
CA LYS C 139 -27.70 -23.64 24.20
C LYS C 139 -28.02 -25.11 24.06
N ARG C 140 -27.61 -25.73 22.94
CA ARG C 140 -28.17 -27.02 22.56
C ARG C 140 -27.44 -28.13 23.34
N ARG C 141 -26.19 -27.91 23.73
CA ARG C 141 -25.41 -28.96 24.38
C ARG C 141 -25.35 -28.76 25.89
N PHE C 142 -25.45 -27.49 26.32
CA PHE C 142 -25.57 -27.19 27.73
C PHE C 142 -26.73 -26.22 27.94
N ASN C 143 -26.42 -24.92 27.91
CA ASN C 143 -27.36 -23.86 28.24
C ASN C 143 -26.68 -22.53 27.93
N VAL C 144 -27.45 -21.46 27.99
CA VAL C 144 -26.98 -20.17 27.51
C VAL C 144 -26.19 -19.49 28.62
N ARG C 145 -26.31 -20.01 29.84
CA ARG C 145 -25.57 -19.53 30.99
C ARG C 145 -24.07 -19.81 30.80
N LEU C 146 -23.78 -20.97 30.22
CA LEU C 146 -22.42 -21.33 29.89
C LEU C 146 -21.90 -20.48 28.73
N TRP C 147 -22.80 -19.96 27.87
CA TRP C 147 -22.37 -19.01 26.86
C TRP C 147 -21.87 -17.71 27.50
N LYS C 148 -22.60 -17.19 28.50
CA LYS C 148 -22.21 -15.93 29.13
C LYS C 148 -20.88 -16.14 29.86
N ILE C 149 -20.67 -17.34 30.41
CA ILE C 149 -19.44 -17.65 31.11
C ILE C 149 -18.23 -17.58 30.15
N PHE C 150 -18.37 -18.13 28.93
CA PHE C 150 -17.34 -18.02 27.93
C PHE C 150 -17.11 -16.56 27.53
N THR C 151 -18.19 -15.78 27.38
CA THR C 151 -18.10 -14.37 27.04
C THR C 151 -17.17 -13.63 27.98
N ASP C 152 -17.41 -13.81 29.28
CA ASP C 152 -16.65 -13.16 30.34
C ASP C 152 -15.18 -13.58 30.23
N CYS C 153 -14.93 -14.82 29.78
CA CYS C 153 -13.57 -15.31 29.61
C CYS C 153 -12.96 -14.66 28.36
N PHE C 154 -13.68 -14.69 27.25
CA PHE C 154 -13.19 -14.11 26.01
C PHE C 154 -12.88 -12.64 26.17
N ASN C 155 -13.64 -11.95 27.02
CA ASN C 155 -13.44 -10.51 27.13
C ASN C 155 -12.08 -10.19 27.72
N CYS C 156 -11.31 -11.21 28.10
CA CYS C 156 -10.06 -11.06 28.81
C CYS C 156 -8.89 -11.61 27.99
N LEU C 157 -9.23 -12.27 26.88
CA LEU C 157 -8.24 -12.80 25.97
C LEU C 157 -7.29 -11.68 25.56
N PRO C 158 -5.97 -11.96 25.52
CA PRO C 158 -5.00 -10.95 25.10
C PRO C 158 -5.19 -10.73 23.62
N VAL C 159 -4.57 -9.69 23.08
CA VAL C 159 -4.97 -9.17 21.80
C VAL C 159 -3.85 -9.23 20.76
N ALA C 160 -2.59 -9.25 21.19
CA ALA C 160 -1.49 -9.37 20.26
C ALA C 160 -0.31 -10.05 20.91
N ALA C 161 0.66 -10.43 20.10
CA ALA C 161 1.85 -11.05 20.63
C ALA C 161 3.03 -10.64 19.77
N LEU C 162 4.14 -10.38 20.42
CA LEU C 162 5.39 -9.98 19.79
C LEU C 162 6.38 -11.11 20.01
N ILE C 163 6.94 -11.69 18.94
CA ILE C 163 7.83 -12.83 19.04
C ILE C 163 9.26 -12.39 18.77
N ASP C 164 10.18 -12.72 19.71
CA ASP C 164 11.54 -12.20 19.75
C ASP C 164 11.62 -10.76 19.23
N GLU C 165 10.66 -9.93 19.64
CA GLU C 165 10.63 -8.49 19.31
C GLU C 165 10.55 -8.17 17.81
N LYS C 166 10.27 -9.13 16.94
CA LYS C 166 10.38 -8.93 15.49
C LYS C 166 9.13 -9.36 14.73
N ILE C 167 8.30 -10.25 15.29
CA ILE C 167 7.10 -10.69 14.63
C ILE C 167 5.92 -10.24 15.48
N LEU C 168 5.04 -9.47 14.87
CA LEU C 168 3.85 -9.01 15.55
C LEU C 168 2.69 -9.84 15.05
N CYS C 169 1.94 -10.42 15.99
CA CYS C 169 0.86 -11.33 15.73
C CYS C 169 -0.42 -10.74 16.29
N MET C 170 -1.43 -10.68 15.46
CA MET C 170 -2.77 -10.40 15.92
C MET C 170 -3.70 -11.17 14.98
N HIS C 171 -4.97 -11.26 15.37
CA HIS C 171 -5.94 -11.98 14.59
C HIS C 171 -6.13 -11.26 13.26
N GLY C 172 -6.48 -9.98 13.34
CA GLY C 172 -6.94 -9.24 12.18
C GLY C 172 -5.77 -8.56 11.45
N GLY C 173 -5.46 -7.34 11.89
CA GLY C 173 -4.45 -6.57 11.19
C GLY C 173 -4.10 -5.28 11.89
N LEU C 174 -3.53 -4.38 11.11
CA LEU C 174 -3.12 -3.07 11.56
C LEU C 174 -4.34 -2.17 11.67
N SER C 175 -4.12 -1.04 12.33
CA SER C 175 -5.12 -0.04 12.64
C SER C 175 -4.58 1.34 12.29
N PRO C 176 -5.41 2.28 11.77
CA PRO C 176 -4.91 3.63 11.60
C PRO C 176 -4.55 4.24 12.94
N ASP C 177 -5.03 3.68 14.07
CA ASP C 177 -4.72 4.24 15.37
C ASP C 177 -3.57 3.49 16.03
N LEU C 178 -2.94 2.49 15.39
CA LEU C 178 -1.84 1.79 16.03
C LEU C 178 -0.54 2.55 15.70
N ASN C 179 -0.19 3.50 16.56
CA ASN C 179 1.01 4.30 16.39
C ASN C 179 2.18 3.76 17.21
N HIS C 180 1.93 3.12 18.38
CA HIS C 180 3.00 2.53 19.17
C HIS C 180 2.47 1.26 19.82
N LEU C 181 3.35 0.26 19.94
CA LEU C 181 2.93 -1.06 20.38
C LEU C 181 2.39 -1.04 21.79
N ASP C 182 2.90 -0.16 22.64
CA ASP C 182 2.44 -0.14 24.01
C ASP C 182 0.93 0.21 24.04
N GLN C 183 0.33 0.71 22.95
CA GLN C 183 -1.10 0.99 22.99
C GLN C 183 -1.90 -0.31 23.10
N ILE C 184 -1.35 -1.42 22.58
CA ILE C 184 -2.00 -2.72 22.74
C ILE C 184 -1.90 -3.17 24.19
N ARG C 185 -0.70 -3.01 24.76
CA ARG C 185 -0.50 -3.32 26.19
C ARG C 185 -1.50 -2.54 27.04
N GLY C 186 -1.91 -1.34 26.62
CA GLY C 186 -2.74 -0.54 27.52
C GLY C 186 -4.23 -0.67 27.25
N LEU C 187 -4.61 -1.58 26.35
CA LEU C 187 -6.02 -1.86 26.12
C LEU C 187 -6.60 -2.49 27.38
N GLN C 188 -7.72 -1.92 27.86
CA GLN C 188 -8.25 -2.25 29.17
C GLN C 188 -8.91 -3.61 29.04
N ARG C 189 -8.76 -4.51 30.00
CA ARG C 189 -9.07 -5.83 29.53
C ARG C 189 -10.54 -6.18 29.63
N PRO C 190 -11.14 -6.60 30.75
CA PRO C 190 -12.48 -7.16 30.55
C PRO C 190 -12.97 -6.02 29.65
N THR C 191 -13.11 -6.27 28.34
CA THR C 191 -13.86 -5.38 27.42
C THR C 191 -14.61 -6.20 26.39
N ASP C 192 -15.66 -5.56 25.87
CA ASP C 192 -16.23 -5.93 24.60
C ASP C 192 -15.35 -5.30 23.51
N VAL C 193 -15.51 -5.77 22.27
CA VAL C 193 -14.92 -5.12 21.12
C VAL C 193 -15.81 -3.95 20.73
N PRO C 194 -15.31 -2.69 20.76
CA PRO C 194 -16.09 -1.58 20.23
C PRO C 194 -16.24 -1.70 18.71
N ASP C 195 -17.19 -0.94 18.19
CA ASP C 195 -17.52 -0.95 16.78
C ASP C 195 -16.41 -0.32 15.95
N ALA C 196 -15.49 0.42 16.61
CA ALA C 196 -14.43 1.12 15.90
C ALA C 196 -13.25 1.37 16.83
N GLY C 197 -12.08 1.68 16.24
CA GLY C 197 -10.92 2.07 17.01
C GLY C 197 -9.95 0.89 17.12
N LEU C 198 -8.93 1.05 17.92
CA LEU C 198 -7.79 0.16 17.86
C LEU C 198 -8.21 -1.30 18.04
N LEU C 199 -8.92 -1.61 19.15
CA LEU C 199 -9.19 -3.00 19.43
C LEU C 199 -9.97 -3.60 18.26
N CYS C 200 -11.00 -2.89 17.79
CA CYS C 200 -11.76 -3.33 16.66
C CYS C 200 -10.84 -3.71 15.50
N ASP C 201 -9.96 -2.76 15.13
CA ASP C 201 -9.13 -2.94 13.94
C ASP C 201 -8.19 -4.12 14.19
N LEU C 202 -7.64 -4.28 15.41
CA LEU C 202 -6.72 -5.40 15.58
C LEU C 202 -7.40 -6.74 15.31
N LEU C 203 -8.71 -6.85 15.58
CA LEU C 203 -9.38 -8.12 15.39
C LEU C 203 -10.06 -8.23 14.03
N TRP C 204 -10.27 -7.08 13.34
CA TRP C 204 -11.14 -7.04 12.17
C TRP C 204 -10.45 -6.70 10.86
N SER C 205 -9.33 -5.98 10.87
CA SER C 205 -8.79 -5.44 9.63
C SER C 205 -8.15 -6.54 8.78
N ASP C 206 -8.05 -6.22 7.48
CA ASP C 206 -7.53 -7.16 6.48
C ASP C 206 -6.49 -6.45 5.62
N PRO C 207 -5.43 -7.17 5.19
CA PRO C 207 -4.56 -6.71 4.10
C PRO C 207 -5.32 -6.73 2.80
N SER C 208 -5.04 -5.78 1.90
CA SER C 208 -5.61 -5.80 0.56
C SER C 208 -4.52 -5.61 -0.47
N LYS C 209 -4.61 -6.42 -1.52
CA LYS C 209 -3.73 -6.34 -2.66
C LYS C 209 -4.26 -5.30 -3.62
N GLU C 210 -5.55 -4.98 -3.51
CA GLU C 210 -6.23 -4.20 -4.52
C GLU C 210 -6.32 -2.73 -4.11
N VAL C 211 -6.34 -2.47 -2.81
CA VAL C 211 -6.56 -1.14 -2.30
C VAL C 211 -5.35 -0.69 -1.49
N GLN C 212 -4.74 0.41 -1.96
CA GLN C 212 -3.59 0.96 -1.26
C GLN C 212 -4.07 1.74 -0.05
N GLY C 213 -3.17 1.86 0.92
CA GLY C 213 -3.47 2.67 2.09
C GLY C 213 -4.63 2.05 2.88
N TRP C 214 -5.45 2.93 3.47
CA TRP C 214 -6.60 2.49 4.23
C TRP C 214 -7.80 2.45 3.31
N GLY C 215 -8.60 1.39 3.38
CA GLY C 215 -9.88 1.36 2.74
C GLY C 215 -10.91 0.86 3.74
N MET C 216 -12.18 1.23 3.49
CA MET C 216 -13.29 0.74 4.28
C MET C 216 -13.38 -0.77 4.06
N ASN C 217 -13.50 -1.54 5.13
CA ASN C 217 -13.55 -2.98 5.02
C ASN C 217 -15.00 -3.36 4.66
N ASP C 218 -15.10 -4.21 3.63
CA ASP C 218 -16.35 -4.74 3.14
C ASP C 218 -17.11 -5.51 4.21
N ARG C 219 -16.43 -6.13 5.16
CA ARG C 219 -17.09 -6.76 6.28
C ARG C 219 -18.05 -5.80 6.97
N GLY C 220 -17.80 -4.48 6.85
CA GLY C 220 -18.72 -3.49 7.40
C GLY C 220 -18.23 -2.90 8.72
N VAL C 221 -17.08 -3.39 9.22
CA VAL C 221 -16.38 -2.71 10.28
C VAL C 221 -14.90 -2.64 9.91
N SER C 222 -14.21 -1.62 10.44
CA SER C 222 -12.76 -1.52 10.36
C SER C 222 -12.34 -1.26 8.91
N TYR C 223 -11.20 -1.83 8.50
CA TYR C 223 -10.49 -1.30 7.34
C TYR C 223 -9.76 -2.42 6.60
N THR C 224 -9.36 -2.07 5.37
CA THR C 224 -8.30 -2.76 4.67
C THR C 224 -7.08 -1.87 4.69
N PHE C 225 -5.89 -2.49 4.67
CA PHE C 225 -4.63 -1.78 4.61
C PHE C 225 -3.88 -2.32 3.40
N GLY C 226 -3.20 -1.42 2.66
CA GLY C 226 -2.35 -1.82 1.53
C GLY C 226 -0.95 -2.26 1.97
N ALA C 227 -0.22 -2.84 1.02
CA ALA C 227 1.14 -3.29 1.25
C ALA C 227 2.01 -2.10 1.67
N ASP C 228 1.65 -0.88 1.26
CA ASP C 228 2.30 0.35 1.71
C ASP C 228 2.23 0.52 3.23
N LYS C 229 1.05 0.29 3.83
CA LYS C 229 0.86 0.43 5.26
C LYS C 229 1.71 -0.60 5.99
N VAL C 230 1.76 -1.82 5.49
CA VAL C 230 2.61 -2.85 6.07
C VAL C 230 4.08 -2.44 6.05
N THR C 231 4.54 -2.00 4.88
CA THR C 231 5.94 -1.61 4.73
C THR C 231 6.26 -0.49 5.72
N GLU C 232 5.41 0.52 5.75
CA GLU C 232 5.61 1.67 6.60
C GLU C 232 5.60 1.26 8.05
N PHE C 233 4.67 0.37 8.43
CA PHE C 233 4.55 -0.01 9.82
C PHE C 233 5.77 -0.78 10.28
N LEU C 234 6.28 -1.69 9.44
CA LEU C 234 7.39 -2.53 9.85
C LEU C 234 8.62 -1.66 10.01
N GLU C 235 8.77 -0.68 9.11
CA GLU C 235 9.95 0.18 9.13
C GLU C 235 9.92 1.07 10.37
N LYS C 236 8.73 1.54 10.74
CA LYS C 236 8.54 2.51 11.80
C LYS C 236 8.77 1.84 13.15
N HIS C 237 8.39 0.56 13.27
CA HIS C 237 8.46 -0.12 14.55
C HIS C 237 9.54 -1.19 14.56
N ASP C 238 10.42 -1.18 13.55
CA ASP C 238 11.53 -2.12 13.55
C ASP C 238 11.04 -3.55 13.80
N LEU C 239 10.12 -3.97 12.93
CA LEU C 239 9.60 -5.33 12.90
C LEU C 239 9.87 -5.92 11.53
N ASP C 240 9.92 -7.26 11.49
CA ASP C 240 10.20 -7.99 10.26
C ASP C 240 8.95 -8.59 9.63
N LEU C 241 7.89 -8.88 10.41
CA LEU C 241 6.80 -9.71 9.92
C LEU C 241 5.57 -9.43 10.76
N ILE C 242 4.43 -9.36 10.06
CA ILE C 242 3.15 -9.39 10.71
C ILE C 242 2.57 -10.75 10.40
N CYS C 243 2.03 -11.38 11.45
CA CYS C 243 1.48 -12.72 11.34
C CYS C 243 0.06 -12.62 11.85
N ARG C 244 -0.89 -12.92 10.97
CA ARG C 244 -2.28 -12.72 11.31
C ARG C 244 -3.06 -13.85 10.65
N ALA C 245 -4.37 -13.81 10.86
CA ALA C 245 -5.26 -14.87 10.44
C ALA C 245 -6.49 -14.24 9.78
N HIS C 246 -7.69 -14.65 10.25
CA HIS C 246 -8.93 -13.92 10.00
C HIS C 246 -9.53 -14.11 8.60
N GLN C 247 -8.75 -14.57 7.62
CA GLN C 247 -9.23 -14.81 6.27
C GLN C 247 -8.87 -16.21 5.83
N VAL C 248 -9.82 -16.91 5.17
CA VAL C 248 -9.51 -18.22 4.60
C VAL C 248 -8.63 -18.00 3.38
N VAL C 249 -7.56 -18.81 3.27
CA VAL C 249 -6.62 -18.74 2.15
C VAL C 249 -6.40 -20.16 1.66
N GLU C 250 -6.30 -20.32 0.33
CA GLU C 250 -6.48 -21.59 -0.33
C GLU C 250 -5.40 -22.56 0.15
N ASP C 251 -4.19 -22.06 0.37
CA ASP C 251 -3.05 -22.94 0.61
C ASP C 251 -2.68 -22.87 2.09
N GLY C 252 -3.61 -22.41 2.93
CA GLY C 252 -3.40 -22.48 4.37
C GLY C 252 -2.57 -21.32 4.90
N TYR C 253 -1.58 -20.86 4.11
CA TYR C 253 -0.89 -19.63 4.41
C TYR C 253 -0.74 -18.83 3.13
N GLU C 254 -0.44 -17.56 3.31
CA GLU C 254 -0.40 -16.64 2.19
C GLU C 254 0.34 -15.38 2.61
N PHE C 255 1.40 -15.05 1.84
CA PHE C 255 2.21 -13.86 2.01
C PHE C 255 1.56 -12.64 1.36
N PHE C 256 1.91 -11.48 1.93
CA PHE C 256 1.50 -10.19 1.45
C PHE C 256 2.71 -9.23 1.59
N ALA C 257 2.80 -8.24 0.69
CA ALA C 257 3.72 -7.12 0.77
C ALA C 257 5.16 -7.60 0.94
N ASN C 258 5.64 -8.32 -0.07
CA ASN C 258 7.02 -8.75 -0.09
C ASN C 258 7.31 -9.68 1.09
N ARG C 259 6.35 -10.48 1.52
CA ARG C 259 6.48 -11.37 2.67
C ARG C 259 6.71 -10.60 3.99
N GLN C 260 6.22 -9.38 4.09
CA GLN C 260 6.27 -8.63 5.32
C GLN C 260 5.09 -9.00 6.18
N LEU C 261 4.14 -9.74 5.60
CA LEU C 261 2.97 -10.17 6.36
C LEU C 261 2.63 -11.55 5.90
N VAL C 262 2.05 -12.34 6.81
CA VAL C 262 1.55 -13.62 6.38
C VAL C 262 0.22 -13.86 7.08
N THR C 263 -0.70 -14.51 6.37
CA THR C 263 -1.98 -14.92 6.88
C THR C 263 -1.90 -16.41 7.06
N VAL C 264 -2.29 -16.85 8.26
CA VAL C 264 -2.32 -18.26 8.60
C VAL C 264 -3.74 -18.62 8.96
N PHE C 265 -4.30 -19.62 8.25
CA PHE C 265 -5.63 -20.11 8.51
C PHE C 265 -5.56 -21.62 8.68
N SER C 266 -6.04 -22.16 9.81
CA SER C 266 -5.68 -23.49 10.25
C SER C 266 -6.87 -24.45 10.19
N ALA C 267 -8.00 -23.96 9.72
CA ALA C 267 -9.16 -24.80 9.53
C ALA C 267 -9.15 -25.36 8.11
N PRO C 268 -8.73 -26.62 7.87
CA PRO C 268 -8.81 -27.19 6.53
C PRO C 268 -10.24 -27.38 6.06
N ASN C 269 -10.44 -27.17 4.76
CA ASN C 269 -11.73 -27.42 4.15
C ASN C 269 -12.82 -26.72 4.95
N TYR C 270 -12.64 -25.42 5.18
CA TYR C 270 -13.50 -24.67 6.08
C TYR C 270 -14.97 -24.88 5.73
N CYS C 271 -15.80 -25.05 6.78
CA CYS C 271 -17.24 -25.29 6.68
C CYS C 271 -17.64 -26.43 5.74
N GLY C 272 -16.77 -27.42 5.51
CA GLY C 272 -17.02 -28.48 4.53
C GLY C 272 -17.16 -27.96 3.09
N GLU C 273 -16.65 -26.75 2.78
CA GLU C 273 -17.03 -26.08 1.54
C GLU C 273 -15.86 -25.50 0.77
N PHE C 274 -14.87 -24.92 1.46
CA PHE C 274 -13.88 -24.07 0.81
C PHE C 274 -12.77 -24.87 0.11
N ASP C 275 -12.53 -26.12 0.52
CA ASP C 275 -11.50 -26.92 -0.10
C ASP C 275 -10.09 -26.40 0.20
N ASN C 276 -9.96 -25.42 1.10
CA ASN C 276 -8.66 -24.83 1.39
C ASN C 276 -7.81 -25.80 2.21
N ALA C 277 -6.49 -25.59 2.14
CA ALA C 277 -5.61 -26.21 3.10
C ALA C 277 -5.56 -25.35 4.36
N GLY C 278 -5.26 -26.01 5.48
CA GLY C 278 -4.95 -25.32 6.72
C GLY C 278 -3.44 -25.30 6.93
N ALA C 279 -2.93 -24.31 7.66
CA ALA C 279 -1.51 -24.23 7.90
C ALA C 279 -1.21 -23.87 9.35
N MET C 280 0.00 -24.23 9.78
CA MET C 280 0.58 -23.71 11.00
C MET C 280 2.01 -23.25 10.69
N MET C 281 2.45 -22.16 11.32
CA MET C 281 3.78 -21.63 11.08
C MET C 281 4.63 -21.86 12.31
N SER C 282 5.71 -22.62 12.11
CA SER C 282 6.72 -22.86 13.11
C SER C 282 7.78 -21.77 13.03
N VAL C 283 8.09 -21.14 14.16
CA VAL C 283 9.22 -20.21 14.22
C VAL C 283 10.33 -20.88 15.01
N ASP C 284 11.53 -20.97 14.45
CA ASP C 284 12.61 -21.61 15.18
C ASP C 284 13.39 -20.50 15.91
N GLU C 285 14.45 -20.91 16.62
CA GLU C 285 15.20 -20.06 17.52
C GLU C 285 15.95 -18.98 16.72
N THR C 286 16.29 -19.27 15.46
CA THR C 286 16.94 -18.29 14.58
C THR C 286 15.91 -17.39 13.87
N LEU C 287 14.61 -17.54 14.20
CA LEU C 287 13.52 -16.84 13.53
C LEU C 287 13.34 -17.29 12.07
N MET C 288 13.77 -18.52 11.75
CA MET C 288 13.36 -19.09 10.48
C MET C 288 11.95 -19.64 10.64
N CYS C 289 11.06 -19.23 9.72
CA CYS C 289 9.67 -19.62 9.69
C CYS C 289 9.43 -20.67 8.60
N SER C 290 8.63 -21.65 8.95
CA SER C 290 8.32 -22.76 8.06
C SER C 290 6.85 -23.07 8.29
N PHE C 291 6.25 -23.80 7.35
CA PHE C 291 4.83 -24.03 7.38
C PHE C 291 4.54 -25.52 7.21
N GLN C 292 3.68 -26.00 8.09
CA GLN C 292 3.14 -27.35 8.02
C GLN C 292 1.73 -27.16 7.45
N ILE C 293 1.38 -27.97 6.46
CA ILE C 293 0.12 -27.87 5.75
C ILE C 293 -0.76 -29.05 6.15
N LEU C 294 -2.07 -28.82 6.27
CA LEU C 294 -3.07 -29.88 6.46
C LEU C 294 -4.09 -29.85 5.31
N LYS C 295 -4.19 -30.95 4.55
CA LYS C 295 -5.16 -31.04 3.48
C LYS C 295 -6.09 -32.23 3.75
N LEU D 4 -26.14 23.46 19.06
CA LEU D 4 -24.88 22.68 18.86
C LEU D 4 -24.50 22.72 17.38
N LEU D 5 -23.28 23.22 17.11
CA LEU D 5 -22.59 22.81 15.91
C LEU D 5 -21.21 22.30 16.36
N GLY D 6 -21.14 21.00 16.63
CA GLY D 6 -19.85 20.36 16.80
C GLY D 6 -19.01 20.41 15.53
N LEU D 7 -17.72 20.08 15.71
CA LEU D 7 -16.77 19.92 14.62
C LEU D 7 -17.29 18.96 13.53
N PHE D 8 -18.05 17.93 13.93
CA PHE D 8 -18.47 16.87 13.03
C PHE D 8 -19.93 17.05 12.64
N ALA D 9 -20.46 18.27 12.78
CA ALA D 9 -21.82 18.51 12.33
C ALA D 9 -21.89 18.20 10.84
N LYS D 10 -23.06 17.67 10.42
CA LYS D 10 -23.33 17.36 9.03
C LYS D 10 -23.09 18.56 8.12
N SER D 11 -23.51 19.76 8.56
CA SER D 11 -23.31 20.92 7.73
C SER D 11 -21.83 21.06 7.39
N LYS D 12 -20.95 20.75 8.35
CA LYS D 12 -19.53 20.99 8.14
C LYS D 12 -18.94 19.91 7.23
N LEU D 13 -19.41 18.66 7.38
CA LEU D 13 -18.90 17.56 6.58
C LEU D 13 -19.22 17.83 5.11
N LYS D 14 -20.42 18.31 4.83
CA LYS D 14 -20.83 18.65 3.47
C LYS D 14 -19.99 19.78 2.88
N LYS D 15 -19.80 20.86 3.64
CA LYS D 15 -18.87 21.91 3.23
C LYS D 15 -17.49 21.33 2.92
N MET D 16 -17.04 20.37 3.72
CA MET D 16 -15.71 19.79 3.50
C MET D 16 -15.67 19.07 2.16
N MET D 17 -16.76 18.39 1.78
CA MET D 17 -16.90 17.75 0.46
C MET D 17 -16.78 18.77 -0.68
N LYS D 18 -17.27 20.00 -0.43
CA LYS D 18 -17.39 21.03 -1.46
C LYS D 18 -16.19 21.95 -1.49
N SER D 19 -15.42 22.05 -0.41
CA SER D 19 -14.36 23.04 -0.35
C SER D 19 -13.07 22.45 0.23
N GLU D 20 -12.03 22.41 -0.62
CA GLU D 20 -10.71 21.89 -0.30
C GLU D 20 -10.10 22.68 0.84
N SER D 21 -10.21 24.01 0.82
CA SER D 21 -9.59 24.84 1.84
C SER D 21 -10.30 24.65 3.18
N PHE D 22 -11.64 24.65 3.17
CA PHE D 22 -12.40 24.35 4.37
C PHE D 22 -12.02 22.97 4.93
N LYS D 23 -12.02 21.97 4.05
CA LYS D 23 -11.69 20.60 4.40
C LYS D 23 -10.33 20.54 5.12
N LEU D 24 -9.30 21.18 4.55
CA LEU D 24 -7.96 21.16 5.11
C LEU D 24 -7.93 21.76 6.50
N LYS D 25 -8.71 22.84 6.70
CA LYS D 25 -8.82 23.47 8.01
C LYS D 25 -9.43 22.49 9.00
N ARG D 26 -10.49 21.77 8.61
CA ARG D 26 -11.14 20.89 9.55
C ARG D 26 -10.24 19.69 9.86
N PHE D 27 -9.54 19.19 8.85
CA PHE D 27 -8.62 18.06 9.02
C PHE D 27 -7.57 18.44 10.07
N GLY D 28 -7.16 19.71 10.04
CA GLY D 28 -6.29 20.31 11.04
C GLY D 28 -6.75 19.99 12.45
N GLU D 29 -8.05 20.15 12.66
CA GLU D 29 -8.71 19.81 13.91
C GLU D 29 -8.98 18.31 14.09
N TRP D 30 -9.28 17.57 13.02
CA TRP D 30 -9.47 16.14 13.14
C TRP D 30 -8.23 15.46 13.71
N ASP D 31 -7.06 16.00 13.40
CA ASP D 31 -5.80 15.59 14.02
C ASP D 31 -5.83 15.61 15.57
N ASP D 32 -6.80 16.23 16.23
CA ASP D 32 -6.80 16.25 17.69
C ASP D 32 -7.41 14.97 18.28
N PHE D 33 -7.95 14.15 17.37
CA PHE D 33 -8.73 12.97 17.66
C PHE D 33 -8.15 11.72 17.03
N THR D 34 -8.47 10.59 17.66
CA THR D 34 -8.16 9.28 17.12
C THR D 34 -9.06 9.05 15.92
N VAL D 35 -8.60 8.13 15.09
CA VAL D 35 -9.38 7.71 13.93
C VAL D 35 -10.66 7.02 14.40
N GLY D 36 -10.57 6.12 15.40
CA GLY D 36 -11.77 5.50 15.98
C GLY D 36 -12.83 6.54 16.33
N TYR D 37 -12.43 7.62 17.02
CA TYR D 37 -13.33 8.67 17.46
C TYR D 37 -13.98 9.34 16.24
N ILE D 38 -13.19 9.56 15.20
CA ILE D 38 -13.65 10.22 13.99
C ILE D 38 -14.65 9.32 13.26
N ARG D 39 -14.27 8.04 13.09
CA ARG D 39 -15.19 7.12 12.43
C ARG D 39 -16.55 7.05 13.13
N GLU D 40 -16.57 6.91 14.47
CA GLU D 40 -17.84 6.94 15.20
C GLU D 40 -18.57 8.25 14.94
N LYS D 41 -17.87 9.40 14.88
CA LYS D 41 -18.55 10.67 14.61
C LYS D 41 -19.17 10.75 13.20
N LEU D 42 -18.53 10.10 12.23
CA LEU D 42 -19.00 10.18 10.85
C LEU D 42 -20.27 9.37 10.65
N LYS D 43 -20.55 8.42 11.55
CA LYS D 43 -21.84 7.74 11.57
C LYS D 43 -22.14 7.09 10.22
N ASN D 44 -21.11 6.43 9.64
CA ASN D 44 -21.19 5.65 8.40
C ASN D 44 -21.56 6.49 7.18
N LYS D 45 -21.25 7.78 7.19
CA LYS D 45 -21.42 8.60 6.01
C LYS D 45 -20.08 9.28 5.75
N TYR D 46 -19.94 9.90 4.59
CA TYR D 46 -18.69 10.61 4.33
C TYR D 46 -17.52 9.64 4.41
N PRO D 47 -17.53 8.41 3.83
CA PRO D 47 -16.32 7.60 3.78
C PRO D 47 -15.17 8.20 2.94
N ASP D 48 -15.52 8.94 1.88
CA ASP D 48 -14.57 9.65 1.02
C ASP D 48 -13.74 10.65 1.84
N LEU D 49 -14.40 11.35 2.76
CA LEU D 49 -13.73 12.29 3.67
C LEU D 49 -12.77 11.50 4.56
N LEU D 50 -13.20 10.38 5.08
CA LEU D 50 -12.34 9.70 6.03
C LEU D 50 -11.11 9.14 5.32
N LEU D 51 -11.30 8.56 4.14
CA LEU D 51 -10.18 7.93 3.44
C LEU D 51 -9.24 9.00 2.87
N ASN D 52 -9.80 10.12 2.40
CA ASN D 52 -9.00 11.26 2.00
C ASN D 52 -8.14 11.75 3.17
N TYR D 53 -8.76 11.92 4.35
CA TYR D 53 -8.05 12.25 5.57
C TYR D 53 -6.93 11.24 5.78
N LEU D 54 -7.24 9.93 5.69
CA LEU D 54 -6.31 8.86 6.10
C LEU D 54 -5.20 8.70 5.09
N ASN D 55 -5.47 8.91 3.80
CA ASN D 55 -4.55 8.43 2.80
C ASN D 55 -3.83 9.59 2.15
N VAL D 56 -4.48 10.76 2.06
CA VAL D 56 -3.89 11.90 1.39
C VAL D 56 -3.36 12.95 2.39
N TYR D 57 -4.21 13.41 3.33
CA TYR D 57 -3.85 14.50 4.21
C TYR D 57 -2.86 14.05 5.27
N LYS D 58 -3.15 12.94 5.95
CA LYS D 58 -2.24 12.43 6.95
C LYS D 58 -0.95 11.98 6.26
N LYS D 59 0.19 12.45 6.79
CA LYS D 59 1.49 12.02 6.30
C LYS D 59 2.17 11.13 7.34
N ALA D 60 2.71 9.99 6.90
CA ALA D 60 3.50 9.12 7.74
C ALA D 60 4.95 9.61 7.70
N GLY D 61 5.70 9.31 8.76
CA GLY D 61 7.05 9.86 8.92
C GLY D 61 8.07 9.07 8.10
N ASN D 62 9.32 9.52 8.20
CA ASN D 62 10.47 8.67 8.04
C ASN D 62 10.78 8.01 9.39
N GLU D 63 10.03 8.41 10.43
CA GLU D 63 10.49 8.28 11.80
C GLU D 63 10.48 6.81 12.16
N ILE D 64 11.64 6.28 12.56
CA ILE D 64 11.73 5.00 13.23
C ILE D 64 11.49 5.26 14.71
N VAL D 65 10.45 4.63 15.27
CA VAL D 65 9.97 4.97 16.59
C VAL D 65 10.27 3.84 17.57
N ARG D 66 10.87 2.75 17.09
CA ARG D 66 11.17 1.63 17.96
C ARG D 66 12.47 1.02 17.47
N HIS D 67 13.25 0.48 18.38
CA HIS D 67 14.42 -0.29 18.03
C HIS D 67 14.39 -1.54 18.89
N ALA D 68 14.59 -2.70 18.26
CA ALA D 68 14.52 -3.99 18.91
C ALA D 68 15.92 -4.36 19.36
N ASN D 69 15.99 -5.14 20.45
CA ASN D 69 17.25 -5.59 20.99
C ASN D 69 17.71 -6.86 20.28
N ASN D 70 16.84 -7.44 19.44
CA ASN D 70 17.14 -8.69 18.77
C ASN D 70 17.75 -8.36 17.41
N PRO D 71 19.04 -8.71 17.15
CA PRO D 71 19.65 -8.44 15.86
C PRO D 71 19.21 -9.44 14.79
N ASN D 72 18.56 -10.53 15.21
CA ASN D 72 18.07 -11.51 14.25
C ASN D 72 16.95 -10.90 13.40
N LYS D 73 16.78 -11.53 12.22
CA LYS D 73 15.82 -11.16 11.19
C LYS D 73 15.09 -12.43 10.78
N VAL D 74 13.83 -12.23 10.43
CA VAL D 74 12.94 -13.31 10.05
C VAL D 74 13.40 -13.86 8.71
N THR D 75 13.44 -15.18 8.57
CA THR D 75 13.63 -15.81 7.28
C THR D 75 12.54 -16.85 7.05
N PHE D 76 12.40 -17.26 5.79
CA PHE D 76 11.45 -18.30 5.43
C PHE D 76 12.21 -19.48 4.85
N SER D 77 11.78 -20.67 5.23
CA SER D 77 12.37 -21.90 4.73
C SER D 77 11.91 -22.09 3.28
N ASN D 78 12.83 -22.59 2.42
CA ASN D 78 12.46 -22.96 1.06
C ASN D 78 11.11 -23.68 1.10
N LYS D 79 11.06 -24.79 1.87
CA LYS D 79 9.84 -25.42 2.35
C LYS D 79 9.38 -26.50 1.37
N VAL D 80 9.75 -27.76 1.67
CA VAL D 80 9.32 -28.92 0.90
C VAL D 80 8.89 -30.03 1.89
MN MN E . 13.06 12.34 -20.57
MN MN F . 14.00 14.28 -23.09
C1 EDO G . 15.31 17.03 -7.71
O1 EDO G . 14.86 15.91 -6.92
C2 EDO G . 16.79 17.19 -7.94
O2 EDO G . 17.29 18.53 -7.97
MN MN H . -12.79 -16.70 9.45
MN MN I . -12.43 -14.18 11.24
C1 EDO J . -11.33 3.80 13.54
O1 EDO J . -12.28 3.24 12.69
C2 EDO J . -9.93 3.29 13.33
O2 EDO J . -9.04 3.35 14.38
C1 EDO K . -18.08 -13.67 23.62
O1 EDO K . -19.41 -14.06 23.91
C2 EDO K . -17.65 -12.38 24.22
O2 EDO K . -16.26 -12.26 24.52
#